data_8PT9
#
_entry.id   8PT9
#
_cell.length_a   106.552
_cell.length_b   106.552
_cell.length_c   99.795
_cell.angle_alpha   90.00
_cell.angle_beta   90.00
_cell.angle_gamma   120.00
#
_symmetry.space_group_name_H-M   'P 31'
#
loop_
_entity.id
_entity.type
_entity.pdbx_description
1 polymer 'Mitogen-activated protein kinase 8'
2 non-polymer 'methyl (1S,3S)-1-methyl-3-[[3-[[3-methyl-4-[(4-pyridin-3-ylpyrimidin-2-yl)amino]phenyl]carbamoyl]phenyl]carbamoyl]-4-oxidanylidene-cyclohexane-1-carboxylate'
3 water water
#
_entity_poly.entity_id   1
_entity_poly.type   'polypeptide(L)'
_entity_poly.pdbx_seq_one_letter_code
;GSMSRSKRDNNFYSVEIGDSTFTVLKRYQNLKPIGSGAQGIVCAAYDAILERNVAIKKLSRPFQNQTHAKRAYRELVLMK
CVNHKNIIGLLNVFTPQKSLEEFQDVYIVMELMDANLCQVIQMELDHERMSYLLYQMLCGIKHLHSAGIIHRDLKPSNIV
VKSDCTLKILDFGLARTAGTSFMMTPYVVTRYYRAPEVILGMGYKENVDIWSVGCIMGEMIKGGVLFPGTDHIDQWNKVI
EQLGTPCPEFMKKLQPTVRTYVENRPKYAGYSFEKLFPDVLFPADSEHNKLKASQARDLLSKMLVIDASKRISVDEALQH
PYINVWYDPSEAEAPPPKIPDKQLDEREHTIEEWKELIYKEVMDLE
;
_entity_poly.pdbx_strand_id   A,B,C
#
# COMPACT_ATOMS: atom_id res chain seq x y z
N ASN A 10 3.69 -38.94 36.14
CA ASN A 10 2.30 -38.61 36.46
C ASN A 10 1.40 -38.83 35.25
N ASN A 11 1.37 -37.86 34.33
CA ASN A 11 0.63 -37.99 33.08
C ASN A 11 1.51 -38.47 31.94
N PHE A 12 2.73 -38.91 32.26
CA PHE A 12 3.69 -39.36 31.28
C PHE A 12 4.08 -40.80 31.59
N TYR A 13 4.39 -41.56 30.55
CA TYR A 13 4.92 -42.89 30.72
C TYR A 13 6.11 -43.05 29.78
N SER A 14 7.04 -43.90 30.18
CA SER A 14 8.33 -44.02 29.54
C SER A 14 8.47 -45.37 28.86
N VAL A 15 9.05 -45.36 27.66
CA VAL A 15 9.24 -46.57 26.87
C VAL A 15 10.73 -46.72 26.60
N GLU A 16 11.23 -47.94 26.75
CA GLU A 16 12.65 -48.20 26.56
C GLU A 16 12.99 -48.69 25.16
N ILE A 17 12.00 -48.93 24.31
CA ILE A 17 12.31 -49.38 22.95
C ILE A 17 12.64 -48.15 22.10
N GLY A 18 13.19 -48.39 20.91
CA GLY A 18 13.75 -47.33 20.10
C GLY A 18 15.15 -46.92 20.50
N ASP A 19 15.85 -47.77 21.25
CA ASP A 19 17.23 -47.65 21.70
C ASP A 19 17.46 -46.51 22.69
N SER A 20 16.40 -45.83 23.13
CA SER A 20 16.54 -44.79 24.14
C SER A 20 15.25 -44.72 24.94
N THR A 21 15.35 -44.22 26.17
CA THR A 21 14.16 -44.11 27.01
C THR A 21 13.32 -42.95 26.48
N PHE A 22 12.08 -43.26 26.10
CA PHE A 22 11.15 -42.31 25.51
C PHE A 22 10.00 -42.10 26.50
N THR A 23 9.86 -40.88 27.00
CA THR A 23 8.79 -40.54 27.93
C THR A 23 7.80 -39.65 27.21
N VAL A 24 6.55 -40.13 27.11
CA VAL A 24 5.52 -39.49 26.32
C VAL A 24 4.26 -39.38 27.17
N LEU A 25 3.33 -38.56 26.71
CA LEU A 25 2.00 -38.55 27.30
C LEU A 25 1.32 -39.89 27.03
N LYS A 26 0.41 -40.28 27.93
CA LYS A 26 -0.24 -41.57 27.80
C LYS A 26 -1.08 -41.66 26.52
N ARG A 27 -1.36 -40.52 25.87
CA ARG A 27 -2.10 -40.56 24.62
C ARG A 27 -1.36 -41.36 23.56
N TYR A 28 -0.04 -41.22 23.49
CA TYR A 28 0.76 -41.93 22.51
C TYR A 28 1.22 -43.27 23.08
N GLN A 29 0.85 -44.36 22.42
CA GLN A 29 1.20 -45.70 22.84
C GLN A 29 1.61 -46.49 21.60
N ASN A 30 2.11 -47.70 21.85
CA ASN A 30 2.65 -48.55 20.79
C ASN A 30 3.70 -47.81 19.98
N LEU A 31 4.71 -47.33 20.70
CA LEU A 31 5.82 -46.62 20.08
C LEU A 31 6.61 -47.61 19.22
N LYS A 32 6.78 -47.31 17.94
CA LYS A 32 7.52 -48.20 17.06
C LYS A 32 8.61 -47.39 16.36
N PRO A 33 9.86 -47.86 16.34
CA PRO A 33 10.94 -47.04 15.80
C PRO A 33 10.81 -46.90 14.29
N ILE A 34 10.90 -45.66 13.83
CA ILE A 34 10.84 -45.35 12.36
C ILE A 34 12.02 -44.45 12.02
N GLY A 35 13.05 -44.44 12.87
CA GLY A 35 14.25 -43.59 12.68
C GLY A 35 15.11 -44.01 11.51
N SER A 36 15.91 -43.07 10.98
CA SER A 36 16.83 -43.33 9.84
C SER A 36 17.92 -42.24 9.71
N GLY A 37 18.70 -42.33 8.63
CA GLY A 37 19.87 -41.49 8.31
C GLY A 37 19.66 -39.98 8.33
N ALA A 38 18.42 -39.50 8.28
CA ALA A 38 18.16 -38.04 8.36
C ALA A 38 18.43 -37.52 9.77
N GLN A 39 18.69 -36.22 9.91
CA GLN A 39 18.99 -35.60 11.24
C GLN A 39 17.94 -35.98 12.28
N GLY A 40 18.38 -36.52 13.42
CA GLY A 40 17.49 -36.89 14.55
C GLY A 40 16.97 -38.31 14.45
N ILE A 41 16.53 -38.89 15.56
CA ILE A 41 15.95 -40.27 15.51
C ILE A 41 14.52 -40.17 16.05
N VAL A 42 13.52 -40.52 15.24
CA VAL A 42 12.10 -40.39 15.67
C VAL A 42 11.38 -41.72 15.52
N CYS A 43 10.31 -41.91 16.27
CA CYS A 43 9.54 -43.17 16.21
C CYS A 43 8.07 -42.86 15.91
N ALA A 44 7.32 -43.90 15.62
CA ALA A 44 5.91 -43.84 15.24
C ALA A 44 5.03 -44.31 16.39
N ALA A 45 3.91 -43.63 16.58
CA ALA A 45 3.01 -43.97 17.67
C ALA A 45 1.58 -43.65 17.26
N TYR A 46 0.64 -44.07 18.11
CA TYR A 46 -0.78 -43.86 17.88
C TYR A 46 -1.30 -42.88 18.92
N ASP A 47 -1.83 -41.75 18.47
CA ASP A 47 -2.43 -40.75 19.35
C ASP A 47 -3.91 -41.09 19.50
N ALA A 48 -4.28 -41.59 20.68
CA ALA A 48 -5.65 -42.09 20.88
C ALA A 48 -6.66 -40.95 20.82
N ILE A 49 -6.35 -39.80 21.40
CA ILE A 49 -7.32 -38.72 21.52
C ILE A 49 -7.76 -38.21 20.15
N LEU A 50 -6.82 -38.09 19.22
CA LEU A 50 -7.13 -37.60 17.88
C LEU A 50 -7.29 -38.71 16.84
N GLU A 51 -7.20 -39.97 17.25
CA GLU A 51 -7.45 -41.12 16.37
C GLU A 51 -6.58 -41.02 15.11
N ARG A 52 -5.29 -40.74 15.30
CA ARG A 52 -4.37 -40.67 14.19
C ARG A 52 -3.01 -41.18 14.63
N ASN A 53 -2.35 -41.91 13.73
CA ASN A 53 -0.97 -42.31 13.97
C ASN A 53 -0.06 -41.10 13.78
N VAL A 54 0.86 -40.89 14.72
CA VAL A 54 1.68 -39.69 14.74
C VAL A 54 3.12 -40.11 14.95
N ALA A 55 4.06 -39.43 14.26
CA ALA A 55 5.50 -39.63 14.49
C ALA A 55 5.95 -38.63 15.56
N ILE A 56 6.76 -39.07 16.53
CA ILE A 56 7.28 -38.30 17.65
C ILE A 56 8.80 -38.29 17.56
N LYS A 57 9.40 -37.12 17.70
CA LYS A 57 10.85 -36.99 17.76
C LYS A 57 11.29 -36.54 19.14
N LYS A 58 12.35 -37.18 19.63
CA LYS A 58 12.95 -36.79 20.92
C LYS A 58 14.18 -35.94 20.60
N LEU A 59 14.16 -34.66 20.95
CA LEU A 59 15.35 -33.82 20.71
C LEU A 59 16.28 -33.97 21.90
N SER A 60 17.44 -34.57 21.67
CA SER A 60 18.41 -34.85 22.75
C SER A 60 19.26 -33.61 23.01
N ARG A 61 19.26 -33.12 24.25
CA ARG A 61 20.14 -31.99 24.64
C ARG A 61 20.04 -30.83 23.65
N PRO A 62 18.90 -30.16 23.48
CA PRO A 62 18.82 -29.07 22.52
C PRO A 62 19.83 -27.96 22.79
N PHE A 63 20.11 -27.65 24.06
CA PHE A 63 21.05 -26.58 24.46
C PHE A 63 22.42 -27.19 24.77
N GLN A 64 22.68 -28.41 24.36
CA GLN A 64 24.01 -29.04 24.59
C GLN A 64 25.12 -28.09 24.15
N ASN A 65 25.00 -27.51 22.96
CA ASN A 65 25.97 -26.58 22.41
C ASN A 65 25.21 -25.46 21.71
N GLN A 66 25.94 -24.45 21.27
CA GLN A 66 25.32 -23.30 20.62
C GLN A 66 24.63 -23.66 19.31
N THR A 67 25.29 -24.47 18.46
CA THR A 67 24.71 -24.77 17.16
C THR A 67 23.50 -25.69 17.28
N HIS A 68 23.48 -26.56 18.29
CA HIS A 68 22.30 -27.41 18.52
C HIS A 68 21.08 -26.56 18.80
N ALA A 69 21.21 -25.58 19.70
CA ALA A 69 20.07 -24.76 20.08
C ALA A 69 19.55 -23.95 18.92
N LYS A 70 20.44 -23.39 18.09
CA LYS A 70 20.01 -22.54 16.99
C LYS A 70 19.15 -23.31 15.98
N ARG A 71 19.47 -24.57 15.73
CA ARG A 71 18.65 -25.34 14.80
C ARG A 71 17.37 -25.82 15.46
N ALA A 72 17.45 -26.22 16.73
CA ALA A 72 16.25 -26.63 17.44
C ALA A 72 15.31 -25.45 17.66
N TYR A 73 15.86 -24.29 18.02
CA TYR A 73 15.03 -23.13 18.29
C TYR A 73 14.29 -22.66 17.04
N ARG A 74 14.98 -22.56 15.92
CA ARG A 74 14.33 -21.99 14.71
C ARG A 74 13.20 -22.91 14.24
N GLU A 75 13.50 -24.18 14.05
CA GLU A 75 12.48 -25.09 13.53
C GLU A 75 11.27 -25.11 14.46
N LEU A 76 11.48 -24.89 15.75
CA LEU A 76 10.39 -24.95 16.72
C LEU A 76 9.44 -23.77 16.52
N VAL A 77 9.98 -22.57 16.33
CA VAL A 77 9.14 -21.40 16.12
C VAL A 77 8.56 -21.40 14.70
N LEU A 78 9.30 -21.93 13.73
CA LEU A 78 8.80 -21.87 12.36
C LEU A 78 7.72 -22.91 12.10
N MET A 79 7.93 -24.16 12.52
CA MET A 79 6.87 -25.15 12.34
C MET A 79 5.64 -24.84 13.19
N LYS A 80 5.79 -24.06 14.27
CA LYS A 80 4.64 -23.69 15.08
C LYS A 80 3.69 -22.75 14.32
N CYS A 81 4.24 -21.85 13.51
CA CYS A 81 3.45 -20.80 12.85
C CYS A 81 3.47 -20.92 11.33
N VAL A 82 3.69 -22.12 10.79
CA VAL A 82 3.57 -22.36 9.35
C VAL A 82 2.35 -23.24 9.13
N ASN A 83 1.45 -22.80 8.25
CA ASN A 83 0.21 -23.49 7.96
C ASN A 83 0.18 -23.74 6.47
N HIS A 84 0.69 -24.89 6.06
CA HIS A 84 0.70 -25.28 4.66
C HIS A 84 0.57 -26.78 4.56
N LYS A 85 -0.11 -27.23 3.50
CA LYS A 85 -0.28 -28.66 3.28
C LYS A 85 1.06 -29.33 2.96
N ASN A 86 1.93 -28.64 2.22
CA ASN A 86 3.17 -29.22 1.75
C ASN A 86 4.35 -28.96 2.68
N ILE A 87 4.10 -28.46 3.89
CA ILE A 87 5.12 -28.30 4.90
C ILE A 87 4.62 -28.99 6.16
N ILE A 88 5.49 -29.77 6.81
CA ILE A 88 5.08 -30.49 8.00
C ILE A 88 4.71 -29.51 9.10
N GLY A 89 3.75 -29.89 9.93
CA GLY A 89 3.25 -29.02 10.96
C GLY A 89 3.37 -29.61 12.34
N LEU A 90 3.31 -28.74 13.36
CA LEU A 90 3.44 -29.17 14.74
C LEU A 90 2.05 -29.37 15.32
N LEU A 91 1.77 -30.58 15.81
CA LEU A 91 0.51 -30.89 16.46
C LEU A 91 0.55 -30.57 17.95
N ASN A 92 1.56 -31.09 18.65
CA ASN A 92 1.72 -30.90 20.08
C ASN A 92 3.21 -30.88 20.39
N VAL A 93 3.59 -30.09 21.38
CA VAL A 93 4.98 -30.03 21.84
C VAL A 93 4.97 -30.19 23.36
N PHE A 94 5.80 -31.11 23.88
CA PHE A 94 5.77 -31.39 25.30
C PHE A 94 7.14 -31.79 25.78
N THR A 95 7.39 -31.56 27.07
CA THR A 95 8.58 -32.03 27.75
C THR A 95 8.18 -32.66 29.08
N PRO A 96 8.76 -33.82 29.41
CA PRO A 96 8.39 -34.47 30.68
C PRO A 96 8.80 -33.67 31.91
N GLN A 97 9.94 -33.01 31.86
CA GLN A 97 10.44 -32.27 33.01
C GLN A 97 9.55 -31.07 33.31
N LYS A 98 9.38 -30.80 34.61
CA LYS A 98 8.54 -29.72 35.10
C LYS A 98 9.36 -28.54 35.58
N SER A 99 10.67 -28.59 35.43
CA SER A 99 11.57 -27.56 35.91
C SER A 99 12.41 -27.03 34.76
N LEU A 100 12.60 -25.72 34.71
CA LEU A 100 13.59 -25.17 33.79
C LEU A 100 15.00 -25.53 34.24
N GLU A 101 15.25 -25.61 35.55
CA GLU A 101 16.57 -25.95 36.06
C GLU A 101 16.99 -27.35 35.62
N GLU A 102 16.09 -28.32 35.72
CA GLU A 102 16.37 -29.70 35.32
C GLU A 102 15.76 -30.04 33.96
N PHE A 103 15.36 -29.02 33.20
CA PHE A 103 14.86 -29.21 31.84
C PHE A 103 15.94 -29.82 30.96
N GLN A 104 15.59 -30.91 30.27
CA GLN A 104 16.62 -31.58 29.47
C GLN A 104 16.20 -31.93 28.04
N ASP A 105 14.98 -32.44 27.84
CA ASP A 105 14.61 -32.95 26.52
C ASP A 105 13.24 -32.46 26.08
N VAL A 106 13.06 -32.43 24.76
CA VAL A 106 11.83 -31.96 24.11
C VAL A 106 11.37 -33.02 23.12
N TYR A 107 10.06 -33.17 22.98
CA TYR A 107 9.46 -34.13 22.04
C TYR A 107 8.56 -33.39 21.07
N ILE A 108 8.65 -33.74 19.79
CA ILE A 108 7.88 -33.08 18.73
C ILE A 108 6.96 -34.12 18.09
N VAL A 109 5.68 -33.79 17.97
CA VAL A 109 4.73 -34.66 17.31
C VAL A 109 4.22 -33.97 16.07
N MET A 110 4.02 -34.75 15.01
CA MET A 110 3.54 -34.20 13.72
C MET A 110 2.79 -35.28 12.96
N GLU A 111 2.14 -34.92 11.85
CA GLU A 111 1.37 -35.90 11.06
C GLU A 111 2.32 -36.99 10.56
N LEU A 112 2.00 -38.26 10.81
CA LEU A 112 2.87 -39.37 10.34
C LEU A 112 2.72 -39.53 8.82
N MET A 113 3.80 -39.89 8.14
CA MET A 113 3.77 -40.14 6.68
C MET A 113 4.41 -41.50 6.40
N ASP A 114 4.04 -42.11 5.30
CA ASP A 114 4.48 -43.48 4.94
C ASP A 114 5.96 -43.59 4.58
N ALA A 115 6.48 -42.63 3.83
CA ALA A 115 7.88 -42.79 3.38
C ALA A 115 8.50 -41.44 3.03
N ASN A 116 9.80 -41.43 2.78
CA ASN A 116 10.49 -40.20 2.34
C ASN A 116 10.55 -40.20 0.82
N LEU A 117 10.96 -39.10 0.22
CA LEU A 117 11.09 -39.01 -1.23
C LEU A 117 12.08 -40.04 -1.76
N CYS A 118 13.18 -40.26 -1.06
CA CYS A 118 14.21 -41.24 -1.48
C CYS A 118 13.55 -42.58 -1.80
N GLN A 119 12.67 -43.06 -0.93
CA GLN A 119 11.99 -44.37 -1.13
C GLN A 119 11.09 -44.32 -2.36
N VAL A 120 10.36 -43.23 -2.51
CA VAL A 120 9.46 -43.10 -3.66
C VAL A 120 10.27 -43.02 -4.95
N ILE A 121 11.48 -42.47 -4.89
CA ILE A 121 12.34 -42.40 -6.06
C ILE A 121 12.67 -43.80 -6.56
N GLN A 122 12.81 -44.77 -5.64
CA GLN A 122 13.13 -46.16 -6.03
C GLN A 122 12.08 -46.66 -7.03
N MET A 123 10.81 -46.53 -6.67
CA MET A 123 9.72 -46.91 -7.56
C MET A 123 9.60 -45.88 -8.67
N GLU A 124 9.94 -46.28 -9.89
CA GLU A 124 9.76 -45.39 -11.03
C GLU A 124 8.29 -45.06 -11.21
N LEU A 125 7.99 -43.78 -11.47
CA LEU A 125 6.62 -43.31 -11.47
C LEU A 125 6.20 -42.85 -12.86
N ASP A 126 5.09 -42.11 -12.93
CA ASP A 126 4.54 -41.66 -14.19
C ASP A 126 4.42 -40.13 -14.19
N HIS A 127 4.15 -39.59 -15.39
CA HIS A 127 4.14 -38.14 -15.57
C HIS A 127 3.13 -37.47 -14.65
N GLU A 128 1.94 -38.04 -14.52
CA GLU A 128 0.90 -37.41 -13.73
C GLU A 128 1.26 -37.40 -12.25
N ARG A 129 1.84 -38.49 -11.75
CA ARG A 129 2.27 -38.51 -10.35
C ARG A 129 3.54 -37.68 -10.15
N MET A 130 4.48 -37.75 -11.08
CA MET A 130 5.72 -36.99 -10.93
C MET A 130 5.45 -35.50 -10.93
N SER A 131 4.59 -35.03 -11.85
CA SER A 131 4.27 -33.61 -11.89
C SER A 131 3.65 -33.14 -10.59
N TYR A 132 2.78 -33.96 -9.99
CA TYR A 132 2.13 -33.59 -8.74
C TYR A 132 3.14 -33.50 -7.60
N LEU A 133 4.11 -34.43 -7.57
CA LEU A 133 5.15 -34.38 -6.53
C LEU A 133 6.00 -33.13 -6.65
N LEU A 134 6.43 -32.80 -7.89
CA LEU A 134 7.22 -31.60 -8.09
C LEU A 134 6.39 -30.34 -7.85
N TYR A 135 5.12 -30.36 -8.25
CA TYR A 135 4.26 -29.20 -8.04
C TYR A 135 4.16 -28.86 -6.55
N GLN A 136 4.03 -29.89 -5.71
CA GLN A 136 3.91 -29.65 -4.27
C GLN A 136 5.19 -29.04 -3.70
N MET A 137 6.35 -29.52 -4.17
CA MET A 137 7.62 -28.95 -3.71
C MET A 137 7.72 -27.48 -4.07
N LEU A 138 7.29 -27.10 -5.27
CA LEU A 138 7.41 -25.72 -5.71
C LEU A 138 6.53 -24.79 -4.89
N CYS A 139 5.33 -25.25 -4.51
CA CYS A 139 4.46 -24.42 -3.68
C CYS A 139 4.97 -24.31 -2.25
N GLY A 140 5.66 -25.34 -1.76
CA GLY A 140 6.28 -25.25 -0.45
C GLY A 140 7.40 -24.23 -0.44
N ILE A 141 8.19 -24.18 -1.49
CA ILE A 141 9.32 -23.22 -1.53
C ILE A 141 8.76 -21.81 -1.60
N LYS A 142 7.70 -21.60 -2.39
CA LYS A 142 7.13 -20.25 -2.57
C LYS A 142 6.58 -19.78 -1.24
N HIS A 143 6.00 -20.68 -0.46
CA HIS A 143 5.45 -20.32 0.86
C HIS A 143 6.60 -19.94 1.79
N LEU A 144 7.70 -20.68 1.69
CA LEU A 144 8.88 -20.38 2.53
C LEU A 144 9.51 -19.07 2.04
N HIS A 145 9.64 -18.88 0.73
CA HIS A 145 10.22 -17.64 0.17
C HIS A 145 9.26 -16.49 0.44
N SER A 146 8.00 -16.81 0.67
CA SER A 146 6.99 -15.78 0.97
C SER A 146 7.35 -15.13 2.30
N ALA A 147 7.85 -15.91 3.24
CA ALA A 147 8.23 -15.38 4.56
C ALA A 147 9.69 -14.93 4.52
N GLY A 148 10.38 -15.16 3.41
CA GLY A 148 11.78 -14.77 3.28
C GLY A 148 12.72 -15.92 3.61
N ILE A 149 12.24 -17.15 3.60
CA ILE A 149 13.15 -18.25 4.03
C ILE A 149 13.69 -18.98 2.80
N ILE A 150 15.00 -19.21 2.76
CA ILE A 150 15.64 -19.97 1.65
C ILE A 150 16.27 -21.17 2.33
N HIS A 151 16.05 -22.37 1.79
CA HIS A 151 16.50 -23.58 2.51
C HIS A 151 17.94 -23.91 2.17
N ARG A 152 18.25 -24.10 0.90
CA ARG A 152 19.64 -24.34 0.44
C ARG A 152 20.08 -25.75 0.83
N ASP A 153 19.20 -26.54 1.45
CA ASP A 153 19.53 -27.94 1.82
C ASP A 153 18.43 -28.89 1.34
N LEU A 154 17.67 -28.54 0.31
CA LEU A 154 16.59 -29.46 -0.09
C LEU A 154 17.22 -30.74 -0.63
N LYS A 155 16.70 -31.90 -0.20
CA LYS A 155 17.24 -33.18 -0.62
C LYS A 155 16.15 -34.23 -0.54
N PRO A 156 16.29 -35.33 -1.29
CA PRO A 156 15.29 -36.41 -1.24
C PRO A 156 15.06 -37.04 0.13
N SER A 157 15.87 -36.65 1.10
CA SER A 157 15.75 -37.23 2.47
C SER A 157 15.13 -36.22 3.41
N ASN A 158 15.02 -34.97 2.97
CA ASN A 158 14.32 -33.94 3.71
C ASN A 158 12.85 -33.88 3.36
N ILE A 159 12.39 -34.70 2.42
CA ILE A 159 11.05 -34.59 1.85
C ILE A 159 10.31 -35.89 2.13
N VAL A 160 9.11 -35.75 2.69
CA VAL A 160 8.31 -36.94 3.08
C VAL A 160 6.98 -36.88 2.32
N VAL A 161 6.45 -38.05 1.99
CA VAL A 161 5.22 -38.19 1.22
C VAL A 161 4.35 -39.28 1.85
N LYS A 162 3.04 -39.15 1.65
CA LYS A 162 2.09 -40.17 2.05
C LYS A 162 1.69 -40.99 0.82
N SER A 163 0.81 -41.97 1.02
CA SER A 163 0.49 -42.88 -0.06
C SER A 163 -0.44 -42.26 -1.11
N ASP A 164 -1.12 -41.17 -0.79
CA ASP A 164 -1.86 -40.43 -1.80
C ASP A 164 -1.00 -39.40 -2.53
N CYS A 165 0.33 -39.51 -2.41
CA CYS A 165 1.28 -38.62 -3.08
C CYS A 165 1.17 -37.19 -2.57
N THR A 166 0.78 -37.02 -1.31
CA THR A 166 0.78 -35.71 -0.67
C THR A 166 2.15 -35.47 -0.08
N LEU A 167 2.80 -34.40 -0.51
CA LEU A 167 4.21 -34.15 -0.22
C LEU A 167 4.34 -33.12 0.90
N LYS A 168 5.32 -33.34 1.78
CA LYS A 168 5.63 -32.42 2.86
C LYS A 168 7.14 -32.29 3.00
N ILE A 169 7.57 -31.19 3.59
CA ILE A 169 8.99 -30.87 3.75
C ILE A 169 9.34 -30.87 5.23
N LEU A 170 10.35 -31.64 5.60
CA LEU A 170 10.72 -31.82 7.02
C LEU A 170 11.60 -30.69 7.55
N ASP A 171 12.58 -30.26 6.78
CA ASP A 171 13.55 -29.26 7.31
C ASP A 171 13.23 -27.86 6.80
N PHE A 172 13.69 -26.85 7.54
CA PHE A 172 13.42 -25.45 7.17
C PHE A 172 14.71 -24.82 6.66
N GLY A 173 15.74 -25.60 6.42
CA GLY A 173 16.93 -25.04 5.77
C GLY A 173 18.15 -24.84 6.65
N LEU A 174 19.18 -24.22 6.10
CA LEU A 174 20.45 -24.00 6.83
C LEU A 174 20.40 -22.58 7.38
N ALA A 175 19.27 -21.92 7.18
CA ALA A 175 19.09 -20.54 7.67
C ALA A 175 20.09 -19.58 7.03
N ARG A 176 20.79 -18.78 7.84
CA ARG A 176 21.63 -17.72 7.24
C ARG A 176 23.10 -18.06 7.42
N THR A 177 23.84 -18.00 6.31
CA THR A 177 25.27 -18.36 6.32
C THR A 177 25.89 -17.86 5.01
N THR A 180 28.87 -22.41 3.89
CA THR A 180 29.83 -23.35 4.46
C THR A 180 29.47 -24.78 4.06
N SER A 181 30.46 -25.52 3.58
CA SER A 181 30.28 -26.93 3.23
C SER A 181 30.87 -27.85 4.28
N PHE A 182 31.25 -27.30 5.44
CA PHE A 182 31.80 -28.07 6.56
C PHE A 182 31.07 -27.64 7.83
N MET A 183 29.79 -28.02 7.95
CA MET A 183 28.97 -27.62 9.08
C MET A 183 29.22 -28.49 10.32
N MET A 184 28.49 -28.18 11.39
CA MET A 184 28.66 -28.80 12.71
C MET A 184 27.83 -30.09 12.82
N THR A 185 27.82 -30.68 14.01
CA THR A 185 27.17 -31.98 14.18
C THR A 185 25.66 -31.98 13.93
N PRO A 186 24.86 -30.98 14.33
CA PRO A 186 23.42 -31.08 14.05
C PRO A 186 23.12 -31.15 12.57
N TYR A 187 23.83 -30.37 11.77
CA TYR A 187 23.66 -30.38 10.33
C TYR A 187 24.39 -31.57 9.72
N VAL A 188 24.02 -31.85 8.46
CA VAL A 188 24.65 -32.89 7.60
C VAL A 188 24.92 -32.18 6.26
N VAL A 189 26.12 -32.28 5.70
CA VAL A 189 26.40 -31.47 4.48
C VAL A 189 25.54 -31.86 3.27
N THR A 190 25.43 -33.15 2.92
CA THR A 190 24.55 -33.57 1.80
C THR A 190 24.77 -32.71 0.55
N ARG A 191 25.97 -32.71 -0.01
CA ARG A 191 26.36 -31.84 -1.16
C ARG A 191 25.81 -32.27 -2.52
N TYR A 192 25.18 -33.43 -2.64
CA TYR A 192 24.79 -33.89 -3.99
C TYR A 192 23.82 -32.95 -4.70
N TYR A 193 22.85 -32.38 -4.00
CA TYR A 193 21.81 -31.57 -4.70
C TYR A 193 22.04 -30.07 -4.54
N ARG A 194 23.25 -29.67 -4.21
CA ARG A 194 23.56 -28.27 -4.02
C ARG A 194 23.91 -27.57 -5.34
N ALA A 195 23.66 -26.27 -5.38
CA ALA A 195 23.78 -25.42 -6.57
C ALA A 195 25.24 -25.12 -6.89
N PRO A 196 25.51 -24.39 -7.98
CA PRO A 196 26.88 -23.89 -8.18
C PRO A 196 27.27 -22.82 -7.19
N GLU A 197 26.34 -21.90 -6.89
CA GLU A 197 26.64 -20.81 -5.96
C GLU A 197 26.97 -21.32 -4.57
N VAL A 198 26.29 -22.38 -4.12
CA VAL A 198 26.58 -22.90 -2.78
C VAL A 198 28.00 -23.43 -2.70
N ILE A 199 28.54 -23.97 -3.80
CA ILE A 199 29.88 -24.51 -3.81
C ILE A 199 30.93 -23.49 -4.23
N LEU A 200 30.52 -22.40 -4.87
CA LEU A 200 31.44 -21.35 -5.31
C LEU A 200 31.49 -20.17 -4.35
N GLY A 201 30.65 -20.16 -3.32
CA GLY A 201 30.67 -19.08 -2.34
C GLY A 201 30.43 -17.71 -2.94
N MET A 202 29.71 -17.63 -4.06
CA MET A 202 29.50 -16.36 -4.73
C MET A 202 28.33 -15.58 -4.15
N GLY A 203 27.51 -16.21 -3.35
CA GLY A 203 26.26 -15.65 -2.85
C GLY A 203 25.06 -16.35 -3.46
N TYR A 204 23.92 -16.17 -2.79
CA TYR A 204 22.71 -16.89 -3.15
C TYR A 204 21.51 -15.95 -3.14
N LYS A 205 20.57 -16.19 -4.05
CA LYS A 205 19.27 -15.56 -3.95
C LYS A 205 18.21 -16.67 -3.99
N GLU A 206 16.94 -16.31 -4.18
CA GLU A 206 15.86 -17.27 -4.04
C GLU A 206 15.80 -18.32 -5.14
N ASN A 207 16.59 -18.18 -6.21
CA ASN A 207 16.57 -19.17 -7.27
C ASN A 207 17.51 -20.35 -7.01
N VAL A 208 18.18 -20.39 -5.85
CA VAL A 208 19.05 -21.52 -5.54
C VAL A 208 18.25 -22.80 -5.35
N ASP A 209 17.07 -22.70 -4.74
CA ASP A 209 16.27 -23.90 -4.47
C ASP A 209 15.76 -24.52 -5.76
N ILE A 210 15.60 -23.73 -6.82
CA ILE A 210 15.19 -24.27 -8.11
C ILE A 210 16.19 -25.31 -8.60
N TRP A 211 17.48 -25.07 -8.35
CA TRP A 211 18.50 -26.05 -8.70
C TRP A 211 18.27 -27.38 -8.02
N SER A 212 17.92 -27.36 -6.73
CA SER A 212 17.82 -28.60 -5.98
C SER A 212 16.71 -29.51 -6.51
N VAL A 213 15.53 -28.93 -6.79
CA VAL A 213 14.44 -29.74 -7.34
C VAL A 213 14.80 -30.25 -8.73
N GLY A 214 15.65 -29.54 -9.46
CA GLY A 214 16.10 -30.04 -10.75
C GLY A 214 16.92 -31.31 -10.63
N CYS A 215 17.79 -31.38 -9.62
CA CYS A 215 18.56 -32.61 -9.42
C CYS A 215 17.68 -33.73 -8.91
N ILE A 216 16.65 -33.41 -8.11
CA ILE A 216 15.74 -34.44 -7.64
C ILE A 216 14.86 -34.96 -8.76
N MET A 217 14.36 -34.04 -9.61
CA MET A 217 13.54 -34.47 -10.75
C MET A 217 14.36 -35.33 -11.70
N GLY A 218 15.59 -34.91 -11.98
CA GLY A 218 16.46 -35.72 -12.82
C GLY A 218 16.80 -37.05 -12.17
N GLU A 219 16.91 -37.06 -10.84
CA GLU A 219 17.19 -38.31 -10.12
C GLU A 219 16.01 -39.28 -10.24
N MET A 220 14.78 -38.76 -10.18
CA MET A 220 13.61 -39.59 -10.40
C MET A 220 13.67 -40.27 -11.76
N ILE A 221 13.94 -39.48 -12.80
CA ILE A 221 13.98 -40.01 -14.15
C ILE A 221 15.19 -40.93 -14.32
N LYS A 222 16.38 -40.42 -14.02
CA LYS A 222 17.59 -41.21 -14.26
C LYS A 222 17.66 -42.44 -13.35
N GLY A 223 17.13 -42.34 -12.14
CA GLY A 223 17.20 -43.42 -11.18
C GLY A 223 18.42 -43.39 -10.28
N GLY A 224 19.25 -42.35 -10.38
CA GLY A 224 20.41 -42.20 -9.52
C GLY A 224 20.74 -40.73 -9.40
N VAL A 225 21.67 -40.43 -8.49
CA VAL A 225 22.08 -39.05 -8.28
C VAL A 225 22.67 -38.49 -9.56
N LEU A 226 22.22 -37.30 -9.95
CA LEU A 226 22.69 -36.68 -11.18
C LEU A 226 24.16 -36.33 -11.09
N PHE A 227 24.57 -35.66 -10.01
CA PHE A 227 25.95 -35.19 -9.81
C PHE A 227 26.53 -35.84 -8.55
N PRO A 228 27.15 -37.02 -8.68
CA PRO A 228 27.82 -37.64 -7.51
C PRO A 228 29.27 -37.20 -7.36
N GLY A 229 29.58 -36.48 -6.28
CA GLY A 229 30.91 -35.97 -6.04
C GLY A 229 31.58 -36.64 -4.85
N THR A 230 32.82 -37.10 -5.06
CA THR A 230 33.56 -37.71 -3.96
C THR A 230 33.79 -36.70 -2.84
N ASP A 231 34.35 -35.55 -3.19
CA ASP A 231 34.74 -34.50 -2.26
C ASP A 231 33.99 -33.21 -2.55
N HIS A 232 34.56 -32.09 -2.07
CA HIS A 232 33.92 -30.79 -2.21
C HIS A 232 33.72 -30.41 -3.68
N ILE A 233 34.79 -30.48 -4.48
CA ILE A 233 34.75 -30.02 -5.87
C ILE A 233 34.73 -31.15 -6.89
N ASP A 234 34.72 -32.42 -6.46
CA ASP A 234 34.43 -33.46 -7.43
C ASP A 234 33.01 -33.33 -7.95
N GLN A 235 32.09 -32.93 -7.08
CA GLN A 235 30.76 -32.52 -7.53
C GLN A 235 30.87 -31.40 -8.56
N TRP A 236 31.69 -30.40 -8.26
CA TRP A 236 31.84 -29.27 -9.18
C TRP A 236 32.34 -29.73 -10.54
N ASN A 237 33.30 -30.66 -10.56
CA ASN A 237 33.74 -31.22 -11.83
C ASN A 237 32.63 -32.02 -12.49
N LYS A 238 31.82 -32.71 -11.69
CA LYS A 238 30.72 -33.50 -12.22
C LYS A 238 29.68 -32.61 -12.90
N VAL A 239 29.42 -31.43 -12.33
CA VAL A 239 28.37 -30.56 -12.86
C VAL A 239 28.71 -30.09 -14.28
N ILE A 240 29.90 -29.49 -14.44
CA ILE A 240 30.29 -28.98 -15.74
C ILE A 240 30.62 -30.10 -16.71
N GLU A 241 30.93 -31.30 -16.20
CA GLU A 241 31.22 -32.44 -17.06
C GLU A 241 30.04 -32.77 -17.94
N GLN A 242 28.82 -32.70 -17.40
CA GLN A 242 27.61 -33.05 -18.15
C GLN A 242 26.87 -31.83 -18.67
N LEU A 243 26.59 -30.86 -17.79
CA LEU A 243 25.86 -29.67 -18.21
C LEU A 243 26.69 -28.83 -19.17
N GLY A 244 27.95 -28.60 -18.85
CA GLY A 244 28.82 -27.84 -19.71
C GLY A 244 29.67 -26.85 -18.92
N THR A 245 30.72 -26.36 -19.58
CA THR A 245 31.62 -25.39 -18.97
C THR A 245 30.90 -24.04 -18.89
N PRO A 246 30.97 -23.34 -17.76
CA PRO A 246 30.28 -22.05 -17.68
C PRO A 246 30.88 -21.08 -18.70
N CYS A 247 30.01 -20.34 -19.35
CA CYS A 247 30.41 -19.41 -20.40
C CYS A 247 31.02 -18.15 -19.79
N PRO A 248 31.78 -17.37 -20.59
CA PRO A 248 32.66 -16.34 -19.99
C PRO A 248 31.99 -15.34 -19.08
N GLU A 249 30.77 -14.88 -19.39
CA GLU A 249 30.15 -13.84 -18.57
C GLU A 249 30.02 -14.26 -17.11
N PHE A 250 29.70 -15.53 -16.88
CA PHE A 250 29.57 -16.03 -15.51
C PHE A 250 30.90 -16.00 -14.77
N MET A 251 31.99 -16.37 -15.44
CA MET A 251 33.27 -16.52 -14.76
C MET A 251 33.87 -15.20 -14.27
N LYS A 252 33.46 -14.07 -14.84
CA LYS A 252 34.04 -12.79 -14.46
C LYS A 252 33.67 -12.40 -13.03
N LYS A 253 32.45 -12.70 -12.61
CA LYS A 253 31.96 -12.14 -11.36
C LYS A 253 32.38 -12.90 -10.11
N LEU A 254 33.00 -14.07 -10.23
CA LEU A 254 33.42 -14.79 -9.04
C LEU A 254 34.68 -14.16 -8.45
N GLN A 255 34.87 -14.34 -7.16
CA GLN A 255 36.03 -13.81 -6.46
C GLN A 255 37.31 -14.43 -7.03
N PRO A 256 38.40 -13.67 -7.04
CA PRO A 256 39.59 -14.09 -7.82
C PRO A 256 40.19 -15.43 -7.44
N THR A 257 40.22 -15.78 -6.16
CA THR A 257 40.99 -16.94 -5.73
C THR A 257 40.48 -18.25 -6.33
N VAL A 258 39.18 -18.36 -6.58
CA VAL A 258 38.63 -19.54 -7.24
C VAL A 258 38.19 -19.25 -8.67
N ARG A 259 38.17 -17.98 -9.08
CA ARG A 259 37.80 -17.65 -10.45
C ARG A 259 38.75 -18.27 -11.47
N THR A 260 40.07 -18.11 -11.24
CA THR A 260 41.06 -18.83 -12.05
C THR A 260 40.83 -20.34 -11.98
N TYR A 261 40.62 -20.89 -10.77
CA TYR A 261 40.51 -22.34 -10.63
C TYR A 261 39.38 -22.88 -11.48
N VAL A 262 38.27 -22.15 -11.57
CA VAL A 262 37.21 -22.53 -12.48
C VAL A 262 37.74 -22.53 -13.91
N GLU A 263 38.50 -21.49 -14.28
CA GLU A 263 39.07 -21.42 -15.62
C GLU A 263 40.19 -22.44 -15.82
N ASN A 264 40.93 -22.78 -14.77
CA ASN A 264 42.13 -23.60 -14.93
C ASN A 264 41.81 -25.06 -15.18
N ARG A 265 40.66 -25.55 -14.74
CA ARG A 265 40.36 -26.97 -14.84
C ARG A 265 39.97 -27.34 -16.27
N PRO A 266 40.05 -28.62 -16.63
CA PRO A 266 39.78 -29.00 -18.03
C PRO A 266 38.39 -28.59 -18.46
N LYS A 267 38.32 -28.00 -19.66
CA LYS A 267 37.07 -27.50 -20.21
C LYS A 267 36.24 -28.63 -20.84
N TYR A 268 34.92 -28.55 -20.66
CA TYR A 268 33.99 -29.53 -21.22
C TYR A 268 32.93 -28.80 -22.05
N ALA A 269 32.72 -29.27 -23.28
CA ALA A 269 31.62 -28.74 -24.07
C ALA A 269 30.28 -29.04 -23.41
N GLY A 270 30.16 -30.22 -22.81
CA GLY A 270 28.96 -30.64 -22.10
C GLY A 270 27.99 -31.38 -22.98
N TYR A 271 27.17 -32.22 -22.35
CA TYR A 271 26.16 -32.99 -23.06
C TYR A 271 24.85 -32.21 -23.10
N SER A 272 24.09 -32.42 -24.17
CA SER A 272 22.78 -31.84 -24.27
C SER A 272 21.79 -32.65 -23.45
N PHE A 273 20.72 -32.00 -22.99
CA PHE A 273 19.69 -32.68 -22.24
C PHE A 273 19.03 -33.79 -23.05
N GLU A 274 19.11 -33.71 -24.38
CA GLU A 274 18.41 -34.67 -25.23
C GLU A 274 18.93 -36.08 -25.04
N LYS A 275 20.26 -36.24 -24.92
CA LYS A 275 20.84 -37.55 -24.62
C LYS A 275 21.19 -37.73 -23.15
N LEU A 276 21.32 -36.64 -22.39
CA LEU A 276 21.44 -36.77 -20.94
C LEU A 276 20.18 -37.33 -20.33
N PHE A 277 19.02 -36.95 -20.86
CA PHE A 277 17.71 -37.46 -20.43
C PHE A 277 16.98 -37.97 -21.65
N PRO A 278 17.32 -39.16 -22.15
CA PRO A 278 16.69 -39.65 -23.37
C PRO A 278 15.26 -40.09 -23.13
N ASP A 279 14.49 -40.09 -24.22
CA ASP A 279 13.09 -40.50 -24.18
C ASP A 279 12.92 -41.98 -23.87
N VAL A 280 13.98 -42.79 -24.00
CA VAL A 280 13.83 -44.23 -23.89
C VAL A 280 13.36 -44.63 -22.50
N LEU A 281 13.98 -44.08 -21.46
CA LEU A 281 13.55 -44.42 -20.10
C LEU A 281 12.22 -43.78 -19.77
N PHE A 282 11.88 -42.65 -20.42
CA PHE A 282 10.60 -41.99 -20.19
C PHE A 282 9.51 -42.99 -20.58
N PRO A 283 8.24 -42.74 -20.28
CA PRO A 283 7.21 -43.65 -20.79
C PRO A 283 7.24 -43.59 -22.31
N ALA A 284 7.01 -44.73 -22.95
CA ALA A 284 7.55 -44.99 -24.28
C ALA A 284 6.51 -44.98 -25.39
N ASP A 285 5.70 -46.04 -25.52
CA ASP A 285 4.79 -46.11 -26.66
C ASP A 285 3.82 -44.96 -26.71
N SER A 286 3.68 -44.19 -25.63
CA SER A 286 2.78 -43.05 -25.67
C SER A 286 3.41 -41.91 -26.45
N GLU A 287 2.56 -41.15 -27.15
CA GLU A 287 2.99 -39.84 -27.60
C GLU A 287 2.86 -38.83 -26.47
N HIS A 288 1.73 -38.90 -25.76
CA HIS A 288 1.44 -37.94 -24.69
C HIS A 288 2.53 -37.97 -23.62
N ASN A 289 2.94 -39.16 -23.19
CA ASN A 289 4.08 -39.25 -22.28
C ASN A 289 5.36 -38.80 -22.97
N LYS A 290 5.51 -39.14 -24.26
CA LYS A 290 6.66 -38.63 -25.01
C LYS A 290 6.60 -37.12 -25.14
N LEU A 291 5.40 -36.56 -25.33
CA LEU A 291 5.27 -35.11 -25.42
C LEU A 291 5.54 -34.47 -24.06
N LYS A 292 5.04 -35.06 -22.99
CA LYS A 292 5.34 -34.53 -21.67
C LYS A 292 6.78 -34.82 -21.27
N ALA A 293 7.41 -35.80 -21.91
CA ALA A 293 8.87 -35.91 -21.82
C ALA A 293 9.52 -34.67 -22.40
N SER A 294 8.99 -34.19 -23.53
CA SER A 294 9.46 -32.91 -24.07
C SER A 294 9.10 -31.77 -23.13
N GLN A 295 8.02 -31.92 -22.37
CA GLN A 295 7.69 -30.92 -21.37
C GLN A 295 8.60 -31.02 -20.15
N ALA A 296 9.09 -32.23 -19.85
CA ALA A 296 10.05 -32.40 -18.76
C ALA A 296 11.41 -31.82 -19.11
N ARG A 297 11.93 -32.15 -20.29
CA ARG A 297 13.28 -31.70 -20.65
C ARG A 297 13.34 -30.17 -20.77
N ASP A 298 12.30 -29.55 -21.33
CA ASP A 298 12.32 -28.10 -21.49
C ASP A 298 12.42 -27.40 -20.13
N LEU A 299 11.66 -27.86 -19.15
CA LEU A 299 11.77 -27.27 -17.82
C LEU A 299 13.08 -27.68 -17.16
N LEU A 300 13.55 -28.89 -17.42
CA LEU A 300 14.85 -29.31 -16.90
C LEU A 300 15.94 -28.41 -17.44
N SER A 301 15.80 -27.98 -18.70
CA SER A 301 16.69 -26.98 -19.26
C SER A 301 16.61 -25.67 -18.48
N LYS A 302 15.40 -25.25 -18.10
CA LYS A 302 15.22 -23.95 -17.47
C LYS A 302 15.64 -23.91 -16.01
N MET A 303 15.73 -25.06 -15.33
CA MET A 303 16.20 -25.06 -13.96
C MET A 303 17.63 -25.53 -13.81
N LEU A 304 18.10 -26.42 -14.67
CA LEU A 304 19.48 -26.89 -14.59
C LEU A 304 20.41 -26.01 -15.45
N VAL A 305 20.45 -24.73 -15.10
CA VAL A 305 21.41 -23.78 -15.62
C VAL A 305 22.27 -23.29 -14.47
N ILE A 306 23.58 -23.33 -14.64
CA ILE A 306 24.48 -22.97 -13.55
C ILE A 306 24.45 -21.47 -13.29
N ASP A 307 24.13 -20.67 -14.31
CA ASP A 307 24.00 -19.23 -14.12
C ASP A 307 22.72 -18.94 -13.33
N ALA A 308 22.90 -18.37 -12.14
CA ALA A 308 21.77 -18.15 -11.23
C ALA A 308 20.80 -17.10 -11.76
N SER A 309 21.29 -16.03 -12.37
CA SER A 309 20.42 -14.87 -12.59
C SER A 309 19.35 -15.14 -13.63
N LYS A 310 19.66 -15.96 -14.64
CA LYS A 310 18.70 -16.32 -15.68
C LYS A 310 18.08 -17.70 -15.46
N ARG A 311 18.15 -18.20 -14.23
CA ARG A 311 17.48 -19.45 -13.87
C ARG A 311 15.99 -19.22 -13.73
N ILE A 312 15.22 -20.28 -14.01
CA ILE A 312 13.77 -20.16 -13.91
C ILE A 312 13.40 -19.98 -12.44
N SER A 313 12.42 -19.13 -12.19
CA SER A 313 11.96 -18.92 -10.83
C SER A 313 10.84 -19.92 -10.53
N VAL A 314 10.50 -20.05 -9.23
CA VAL A 314 9.45 -21.01 -8.86
C VAL A 314 8.10 -20.53 -9.33
N ASP A 315 7.89 -19.22 -9.35
CA ASP A 315 6.64 -18.67 -9.87
C ASP A 315 6.48 -19.00 -11.35
N GLU A 316 7.53 -18.79 -12.14
CA GLU A 316 7.50 -19.17 -13.54
C GLU A 316 7.51 -20.69 -13.70
N ALA A 317 8.20 -21.41 -12.81
CA ALA A 317 8.17 -22.87 -12.86
C ALA A 317 6.79 -23.41 -12.52
N LEU A 318 6.08 -22.73 -11.62
CA LEU A 318 4.74 -23.17 -11.24
C LEU A 318 3.74 -22.99 -12.38
N GLN A 319 3.99 -22.03 -13.27
CA GLN A 319 3.15 -21.78 -14.43
C GLN A 319 3.68 -22.45 -15.69
N HIS A 320 4.62 -23.39 -15.54
CA HIS A 320 5.10 -24.14 -16.68
C HIS A 320 4.06 -25.18 -17.10
N PRO A 321 3.91 -25.43 -18.40
CA PRO A 321 2.89 -26.41 -18.84
C PRO A 321 3.00 -27.75 -18.15
N TYR A 322 4.21 -28.18 -17.79
CA TYR A 322 4.38 -29.45 -17.06
C TYR A 322 3.78 -29.38 -15.66
N ILE A 323 3.82 -28.21 -15.03
CA ILE A 323 3.37 -28.06 -13.66
C ILE A 323 2.06 -27.29 -13.55
N ASN A 324 1.70 -26.46 -14.54
CA ASN A 324 0.53 -25.62 -14.43
C ASN A 324 -0.78 -26.42 -14.43
N VAL A 325 -0.75 -27.68 -14.85
CA VAL A 325 -1.97 -28.48 -14.89
C VAL A 325 -2.55 -28.66 -13.49
N TRP A 326 -1.69 -28.72 -12.47
CA TRP A 326 -2.13 -28.87 -11.09
C TRP A 326 -2.29 -27.55 -10.36
N TYR A 327 -2.27 -26.43 -11.06
CA TYR A 327 -2.23 -25.14 -10.39
C TYR A 327 -3.56 -24.85 -9.71
N ASP A 328 -3.53 -24.78 -8.39
CA ASP A 328 -4.65 -24.40 -7.54
C ASP A 328 -4.11 -23.36 -6.57
N PRO A 329 -4.70 -22.17 -6.49
CA PRO A 329 -4.12 -21.11 -5.65
C PRO A 329 -4.12 -21.44 -4.18
N SER A 330 -4.84 -22.47 -3.75
CA SER A 330 -4.82 -22.82 -2.33
C SER A 330 -3.39 -23.07 -1.85
N GLU A 331 -2.65 -23.93 -2.55
CA GLU A 331 -1.27 -24.23 -2.17
C GLU A 331 -0.32 -23.09 -2.54
N ALA A 332 -0.52 -22.47 -3.71
CA ALA A 332 0.44 -21.50 -4.23
C ALA A 332 0.23 -20.10 -3.66
N GLU A 333 -0.90 -19.47 -3.97
CA GLU A 333 -1.17 -18.10 -3.52
C GLU A 333 -1.82 -18.09 -2.13
N ALA A 334 -1.13 -18.69 -1.17
CA ALA A 334 -1.62 -18.76 0.19
C ALA A 334 -1.24 -17.49 0.95
N PRO A 335 -1.88 -17.23 2.10
CA PRO A 335 -1.45 -16.11 2.92
C PRO A 335 -0.06 -16.37 3.47
N PRO A 336 0.83 -15.38 3.41
CA PRO A 336 2.23 -15.62 3.79
C PRO A 336 2.35 -15.79 5.29
N PRO A 337 3.33 -16.57 5.76
CA PRO A 337 3.51 -16.77 7.20
C PRO A 337 4.34 -15.66 7.82
N LYS A 338 3.88 -15.16 8.97
CA LYS A 338 4.60 -14.16 9.76
C LYS A 338 5.23 -14.83 10.98
N ILE A 339 6.48 -14.51 11.24
CA ILE A 339 7.27 -15.12 12.32
C ILE A 339 7.42 -14.10 13.44
N PRO A 340 7.06 -14.43 14.69
CA PRO A 340 7.16 -13.52 15.83
C PRO A 340 8.58 -13.36 16.36
N LYS A 342 11.46 -13.73 18.14
CA LYS A 342 12.06 -14.32 16.96
C LYS A 342 12.26 -13.28 15.86
N GLN A 343 11.85 -12.04 16.12
CA GLN A 343 12.27 -10.94 15.24
C GLN A 343 13.78 -10.99 15.11
N LEU A 344 14.46 -11.23 16.23
CA LEU A 344 15.88 -11.55 16.24
C LEU A 344 16.09 -13.04 15.90
N ASP A 345 15.62 -13.42 14.71
CA ASP A 345 15.96 -14.73 14.19
C ASP A 345 17.32 -14.67 13.51
N GLU A 346 18.02 -13.57 13.72
CA GLU A 346 19.32 -13.27 13.14
C GLU A 346 20.42 -13.26 14.19
N ARG A 347 20.14 -13.70 15.41
CA ARG A 347 21.08 -13.51 16.51
C ARG A 347 21.36 -14.77 17.30
N GLU A 348 22.39 -14.69 18.15
CA GLU A 348 22.81 -15.75 19.07
C GLU A 348 22.87 -15.16 20.48
N HIS A 349 22.74 -16.04 21.48
CA HIS A 349 22.75 -15.61 22.87
C HIS A 349 23.36 -16.71 23.73
N THR A 350 23.23 -16.55 25.05
CA THR A 350 23.81 -17.48 26.00
C THR A 350 23.17 -18.87 25.88
N ILE A 351 23.98 -19.89 26.18
CA ILE A 351 23.47 -21.26 26.28
C ILE A 351 22.33 -21.34 27.29
N GLU A 352 22.52 -20.75 28.47
CA GLU A 352 21.44 -20.72 29.44
C GLU A 352 20.26 -19.90 28.93
N GLU A 353 20.54 -18.78 28.27
CA GLU A 353 19.47 -17.99 27.65
C GLU A 353 18.82 -18.77 26.51
N TRP A 354 19.62 -19.54 25.77
CA TRP A 354 19.04 -20.42 24.75
C TRP A 354 18.08 -21.41 25.38
N LYS A 355 18.50 -22.05 26.48
CA LYS A 355 17.68 -23.06 27.13
C LYS A 355 16.38 -22.49 27.67
N GLU A 356 16.42 -21.30 28.27
CA GLU A 356 15.20 -20.73 28.85
C GLU A 356 14.18 -20.36 27.77
N LEU A 357 14.65 -19.84 26.63
CA LEU A 357 13.71 -19.38 25.61
C LEU A 357 12.99 -20.55 24.93
N ILE A 358 13.71 -21.64 24.66
CA ILE A 358 13.05 -22.81 24.10
C ILE A 358 12.10 -23.42 25.12
N TYR A 359 12.45 -23.35 26.40
CA TYR A 359 11.55 -23.81 27.45
C TYR A 359 10.26 -22.99 27.44
N LYS A 360 10.37 -21.68 27.26
CA LYS A 360 9.16 -20.86 27.14
C LYS A 360 8.42 -21.17 25.85
N GLU A 361 9.15 -21.54 24.79
CA GLU A 361 8.52 -21.87 23.52
C GLU A 361 7.66 -23.12 23.66
N VAL A 362 8.20 -24.17 24.28
CA VAL A 362 7.46 -25.43 24.41
C VAL A 362 6.25 -25.29 25.33
N MET A 363 6.33 -24.45 26.36
CA MET A 363 5.33 -24.41 27.43
C MET A 363 4.12 -23.51 27.16
N ASP A 364 4.04 -22.82 26.03
CA ASP A 364 2.90 -21.96 25.77
C ASP A 364 2.21 -22.41 24.48
N LEU A 365 1.17 -23.21 24.65
CA LEU A 365 0.41 -23.79 23.56
C LEU A 365 -0.84 -24.44 24.12
N ASP B 9 -35.17 38.28 39.55
CA ASP B 9 -33.96 38.98 40.01
C ASP B 9 -32.72 38.20 39.61
N ASN B 10 -32.20 37.43 40.56
CA ASN B 10 -31.06 36.56 40.27
C ASN B 10 -31.52 35.40 39.40
N ASN B 11 -30.90 35.25 38.24
CA ASN B 11 -31.07 34.04 37.44
C ASN B 11 -29.92 33.08 37.70
N PHE B 12 -29.06 33.39 38.67
CA PHE B 12 -27.88 32.62 39.02
C PHE B 12 -27.91 32.31 40.51
N TYR B 13 -27.33 31.17 40.90
CA TYR B 13 -27.15 30.86 42.31
C TYR B 13 -25.80 30.21 42.54
N SER B 14 -25.32 30.31 43.79
CA SER B 14 -23.96 29.96 44.16
C SER B 14 -23.91 28.76 45.07
N VAL B 15 -23.02 27.82 44.75
CA VAL B 15 -22.72 26.65 45.58
C VAL B 15 -21.21 26.52 45.64
N GLU B 16 -20.67 26.21 46.81
CA GLU B 16 -19.22 26.11 46.98
C GLU B 16 -18.79 24.66 46.86
N ILE B 17 -18.32 24.28 45.67
CA ILE B 17 -17.77 22.96 45.38
C ILE B 17 -16.30 23.12 45.01
N GLY B 18 -15.48 22.12 45.33
CA GLY B 18 -14.07 22.20 45.00
C GLY B 18 -13.28 23.24 45.76
N ASP B 19 -13.78 23.66 46.92
CA ASP B 19 -13.15 24.64 47.79
C ASP B 19 -13.15 26.04 47.20
N SER B 20 -13.98 26.31 46.20
CA SER B 20 -14.10 27.63 45.60
C SER B 20 -15.54 27.87 45.17
N THR B 21 -15.93 29.13 45.07
CA THR B 21 -17.31 29.49 44.75
C THR B 21 -17.67 29.07 43.34
N PHE B 22 -18.77 28.32 43.21
CA PHE B 22 -19.35 27.89 41.94
C PHE B 22 -20.75 28.52 41.87
N THR B 23 -20.96 29.48 40.97
CA THR B 23 -22.26 30.10 40.79
C THR B 23 -22.76 29.77 39.39
N VAL B 24 -23.93 29.12 39.31
CA VAL B 24 -24.46 28.54 38.08
C VAL B 24 -25.85 29.12 37.87
N LEU B 25 -26.39 28.93 36.67
CA LEU B 25 -27.76 29.30 36.43
C LEU B 25 -28.68 28.43 37.29
N LYS B 26 -29.82 29.01 37.70
CA LYS B 26 -30.75 28.30 38.57
C LYS B 26 -31.44 27.13 37.87
N ARG B 27 -31.42 27.10 36.53
CA ARG B 27 -31.98 25.97 35.78
C ARG B 27 -31.22 24.69 36.09
N TYR B 28 -29.90 24.78 36.25
CA TYR B 28 -29.07 23.62 36.53
C TYR B 28 -29.03 23.38 38.03
N GLN B 29 -29.38 22.16 38.44
CA GLN B 29 -29.59 21.86 39.86
C GLN B 29 -28.91 20.56 40.25
N ASN B 30 -28.89 20.31 41.56
CA ASN B 30 -28.27 19.13 42.17
C ASN B 30 -26.85 18.95 41.66
N LEU B 31 -26.04 19.99 41.87
CA LEU B 31 -24.66 19.98 41.41
C LEU B 31 -23.88 18.92 42.15
N LYS B 32 -23.25 18.03 41.40
CA LYS B 32 -22.43 16.97 41.95
C LYS B 32 -21.05 17.09 41.30
N PRO B 33 -19.98 17.14 42.09
CA PRO B 33 -18.65 17.34 41.50
C PRO B 33 -18.19 16.10 40.75
N ILE B 34 -17.74 16.30 39.52
CA ILE B 34 -17.12 15.18 38.78
C ILE B 34 -15.70 15.15 39.34
N GLY B 35 -15.33 14.07 40.03
CA GLY B 35 -14.05 14.04 40.72
C GLY B 35 -12.87 14.14 39.78
N SER B 36 -12.93 13.32 38.74
CA SER B 36 -11.89 13.19 37.67
C SER B 36 -10.51 13.17 38.30
N GLY B 37 -9.63 14.01 37.78
CA GLY B 37 -8.28 14.15 38.34
C GLY B 37 -8.22 15.42 39.18
N ALA B 38 -9.41 15.97 39.50
CA ALA B 38 -9.66 17.18 40.31
C ALA B 38 -9.27 18.44 39.53
N GLN B 39 -9.19 18.32 38.20
CA GLN B 39 -8.75 19.40 37.30
C GLN B 39 -9.86 19.66 36.29
N GLY B 40 -10.01 20.92 35.90
CA GLY B 40 -11.08 21.37 34.98
C GLY B 40 -12.25 21.91 35.76
N ILE B 41 -12.26 21.71 37.08
CA ILE B 41 -13.33 22.24 37.97
C ILE B 41 -14.70 21.84 37.40
N VAL B 42 -14.90 20.54 37.20
CA VAL B 42 -16.15 20.08 36.54
C VAL B 42 -17.15 19.56 37.56
N CYS B 43 -18.43 19.68 37.22
CA CYS B 43 -19.52 19.16 38.09
C CYS B 43 -20.65 18.62 37.20
N ALA B 44 -21.51 17.78 37.78
CA ALA B 44 -22.69 17.17 37.13
C ALA B 44 -23.95 17.86 37.65
N ALA B 45 -24.93 18.11 36.78
CA ALA B 45 -26.16 18.80 37.15
C ALA B 45 -27.31 18.34 36.28
N TYR B 46 -28.51 18.80 36.64
CA TYR B 46 -29.74 18.52 35.91
C TYR B 46 -30.28 19.81 35.31
N ASP B 47 -30.44 19.83 33.99
CA ASP B 47 -31.03 20.97 33.30
C ASP B 47 -32.54 20.73 33.17
N ALA B 48 -33.33 21.50 33.91
CA ALA B 48 -34.77 21.30 33.92
C ALA B 48 -35.40 21.63 32.57
N ILE B 49 -34.92 22.69 31.91
CA ILE B 49 -35.58 23.18 30.70
C ILE B 49 -35.59 22.13 29.61
N LEU B 50 -34.46 21.46 29.40
CA LEU B 50 -34.37 20.36 28.44
C LEU B 50 -34.44 19.00 29.10
N GLU B 51 -34.62 18.96 30.42
CA GLU B 51 -34.88 17.73 31.18
C GLU B 51 -33.80 16.69 30.93
N ARG B 52 -32.54 17.11 31.06
CA ARG B 52 -31.41 16.21 30.89
C ARG B 52 -30.30 16.57 31.86
N ASN B 53 -29.61 15.56 32.38
CA ASN B 53 -28.43 15.81 33.20
C ASN B 53 -27.29 16.28 32.31
N VAL B 54 -26.58 17.31 32.74
CA VAL B 54 -25.62 18.02 31.90
C VAL B 54 -24.30 18.17 32.63
N ALA B 55 -23.24 18.33 31.85
CA ALA B 55 -21.86 18.52 32.33
C ALA B 55 -21.49 19.99 32.22
N ILE B 56 -21.02 20.59 33.32
CA ILE B 56 -20.66 22.00 33.35
C ILE B 56 -19.18 22.14 33.68
N LYS B 57 -18.50 22.99 32.92
CA LYS B 57 -17.06 23.26 33.15
C LYS B 57 -16.89 24.75 33.41
N LYS B 58 -16.09 25.09 34.41
CA LYS B 58 -15.83 26.48 34.76
C LYS B 58 -14.50 26.95 34.20
N LEU B 59 -14.54 27.93 33.29
CA LEU B 59 -13.33 28.57 32.78
C LEU B 59 -13.05 29.76 33.69
N SER B 60 -12.34 29.51 34.79
CA SER B 60 -12.07 30.54 35.79
C SER B 60 -11.01 31.49 35.27
N ARG B 61 -11.36 32.77 35.17
CA ARG B 61 -10.41 33.82 34.76
C ARG B 61 -9.68 33.37 33.49
N PRO B 62 -10.40 33.19 32.38
CA PRO B 62 -9.76 32.68 31.16
C PRO B 62 -8.64 33.56 30.68
N PHE B 63 -8.63 34.82 31.11
CA PHE B 63 -7.64 35.81 30.71
C PHE B 63 -6.49 35.92 31.72
N GLN B 64 -6.25 34.86 32.51
CA GLN B 64 -5.17 34.93 33.50
C GLN B 64 -3.83 35.17 32.83
N ASN B 65 -3.58 34.50 31.70
CA ASN B 65 -2.36 34.70 30.93
C ASN B 65 -2.70 34.45 29.47
N GLN B 66 -1.75 34.78 28.59
CA GLN B 66 -1.97 34.58 27.16
C GLN B 66 -2.20 33.12 26.84
N THR B 67 -1.50 32.21 27.54
CA THR B 67 -1.66 30.79 27.25
C THR B 67 -3.07 30.31 27.60
N HIS B 68 -3.62 30.82 28.70
CA HIS B 68 -4.99 30.47 29.08
C HIS B 68 -6.00 31.04 28.10
N ALA B 69 -5.87 32.32 27.76
CA ALA B 69 -6.87 33.00 26.92
C ALA B 69 -6.92 32.39 25.53
N LYS B 70 -5.76 32.07 24.95
CA LYS B 70 -5.73 31.53 23.59
C LYS B 70 -6.45 30.20 23.50
N ARG B 71 -6.42 29.40 24.57
CA ARG B 71 -7.13 28.12 24.56
C ARG B 71 -8.64 28.32 24.77
N ALA B 72 -9.01 29.24 25.65
CA ALA B 72 -10.43 29.46 25.95
C ALA B 72 -11.18 29.95 24.72
N TYR B 73 -10.61 30.92 24.00
CA TYR B 73 -11.25 31.40 22.78
C TYR B 73 -11.35 30.29 21.75
N ARG B 74 -10.32 29.46 21.64
CA ARG B 74 -10.31 28.44 20.60
C ARG B 74 -11.38 27.38 20.87
N GLU B 75 -11.45 26.88 22.11
CA GLU B 75 -12.44 25.84 22.38
C GLU B 75 -13.86 26.37 22.25
N LEU B 76 -14.09 27.64 22.59
CA LEU B 76 -15.46 28.17 22.60
C LEU B 76 -15.99 28.34 21.18
N VAL B 77 -15.18 28.92 20.28
CA VAL B 77 -15.66 29.19 18.93
C VAL B 77 -15.76 27.90 18.12
N LEU B 78 -14.82 26.98 18.31
CA LEU B 78 -14.87 25.77 17.50
C LEU B 78 -15.97 24.83 17.98
N MET B 79 -16.12 24.67 19.30
CA MET B 79 -17.22 23.86 19.80
C MET B 79 -18.56 24.49 19.47
N LYS B 80 -18.59 25.81 19.35
CA LYS B 80 -19.81 26.50 18.92
C LYS B 80 -20.16 26.18 17.48
N CYS B 81 -19.15 26.01 16.62
CA CYS B 81 -19.40 25.85 15.18
C CYS B 81 -19.01 24.48 14.64
N VAL B 82 -18.83 23.48 15.50
CA VAL B 82 -18.64 22.10 15.04
C VAL B 82 -19.75 21.24 15.64
N ASN B 83 -20.42 20.47 14.80
CA ASN B 83 -21.50 19.59 15.22
C ASN B 83 -21.22 18.19 14.64
N HIS B 84 -20.68 17.30 15.47
CA HIS B 84 -20.36 15.94 15.04
C HIS B 84 -20.69 14.97 16.15
N LYS B 85 -21.03 13.74 15.75
CA LYS B 85 -21.40 12.70 16.71
C LYS B 85 -20.22 12.32 17.59
N ASN B 86 -19.01 12.32 17.03
CA ASN B 86 -17.82 11.89 17.76
C ASN B 86 -17.06 13.06 18.35
N ILE B 87 -17.65 14.25 18.37
CA ILE B 87 -17.07 15.42 19.03
C ILE B 87 -18.13 16.00 19.96
N ILE B 88 -17.71 16.37 21.18
CA ILE B 88 -18.66 16.95 22.14
C ILE B 88 -19.14 18.31 21.65
N GLY B 89 -20.38 18.65 22.01
CA GLY B 89 -20.98 19.90 21.56
C GLY B 89 -21.43 20.80 22.70
N LEU B 90 -21.60 22.09 22.40
CA LEU B 90 -22.00 23.07 23.40
C LEU B 90 -23.51 23.27 23.37
N LEU B 91 -24.15 23.14 24.53
CA LEU B 91 -25.57 23.39 24.67
C LEU B 91 -25.87 24.84 24.99
N ASN B 92 -25.24 25.38 26.04
CA ASN B 92 -25.46 26.76 26.45
C ASN B 92 -24.16 27.36 26.96
N VAL B 93 -24.03 28.67 26.77
CA VAL B 93 -22.87 29.42 27.23
C VAL B 93 -23.36 30.54 28.13
N PHE B 94 -22.82 30.62 29.34
CA PHE B 94 -23.30 31.65 30.25
C PHE B 94 -22.18 32.11 31.16
N THR B 95 -22.28 33.38 31.57
CA THR B 95 -21.43 33.99 32.56
C THR B 95 -22.31 34.75 33.54
N PRO B 96 -22.04 34.65 34.84
CA PRO B 96 -22.91 35.31 35.81
C PRO B 96 -22.91 36.81 35.68
N GLN B 97 -21.75 37.39 35.38
CA GLN B 97 -21.63 38.84 35.24
C GLN B 97 -22.30 39.33 33.96
N LYS B 98 -22.92 40.51 34.05
CA LYS B 98 -23.49 41.19 32.90
C LYS B 98 -22.65 42.40 32.52
N SER B 99 -21.50 42.57 33.16
CA SER B 99 -20.60 43.69 32.92
C SER B 99 -19.25 43.16 32.48
N LEU B 100 -18.70 43.76 31.42
CA LEU B 100 -17.33 43.43 31.00
C LEU B 100 -16.32 43.88 32.04
N GLU B 101 -16.63 44.96 32.77
CA GLU B 101 -15.71 45.46 33.79
C GLU B 101 -15.50 44.43 34.88
N GLU B 102 -16.57 43.74 35.29
CA GLU B 102 -16.48 42.69 36.29
C GLU B 102 -16.54 41.29 35.67
N PHE B 103 -16.43 41.20 34.34
CA PHE B 103 -16.38 39.89 33.69
C PHE B 103 -15.13 39.15 34.14
N GLN B 104 -15.33 37.98 34.76
CA GLN B 104 -14.22 37.24 35.32
C GLN B 104 -14.30 35.75 34.99
N ASP B 105 -15.49 35.17 34.98
CA ASP B 105 -15.62 33.73 34.82
C ASP B 105 -16.59 33.37 33.71
N VAL B 106 -16.34 32.20 33.12
CA VAL B 106 -17.13 31.66 32.02
C VAL B 106 -17.52 30.23 32.39
N TYR B 107 -18.75 29.86 32.07
CA TYR B 107 -19.24 28.51 32.35
C TYR B 107 -19.74 27.88 31.06
N ILE B 108 -19.33 26.63 30.81
CA ILE B 108 -19.72 25.88 29.62
C ILE B 108 -20.49 24.65 30.06
N VAL B 109 -21.69 24.47 29.51
CA VAL B 109 -22.52 23.31 29.82
C VAL B 109 -22.68 22.48 28.55
N MET B 110 -22.50 21.18 28.69
CA MET B 110 -22.56 20.32 27.48
C MET B 110 -23.20 18.98 27.84
N GLU B 111 -23.32 18.10 26.86
CA GLU B 111 -23.97 16.79 27.06
C GLU B 111 -23.12 15.96 27.99
N LEU B 112 -23.68 15.50 29.10
CA LEU B 112 -22.95 14.65 30.08
C LEU B 112 -22.76 13.27 29.48
N MET B 113 -21.67 12.59 29.83
CA MET B 113 -21.42 11.23 29.31
C MET B 113 -21.15 10.32 30.50
N ASP B 114 -21.37 9.03 30.32
CA ASP B 114 -21.23 8.06 31.44
C ASP B 114 -19.79 7.91 31.92
N ALA B 115 -18.83 7.81 31.02
CA ALA B 115 -17.47 7.53 31.54
C ALA B 115 -16.37 7.99 30.58
N ASN B 116 -15.14 7.89 31.05
CA ASN B 116 -13.93 8.18 30.26
C ASN B 116 -13.52 6.89 29.56
N LEU B 117 -12.68 6.98 28.54
CA LEU B 117 -12.16 5.81 27.83
C LEU B 117 -11.29 4.95 28.73
N CYS B 118 -10.55 5.59 29.63
CA CYS B 118 -9.67 4.90 30.61
C CYS B 118 -10.49 3.87 31.35
N GLN B 119 -11.66 4.28 31.83
CA GLN B 119 -12.58 3.42 32.60
C GLN B 119 -13.02 2.21 31.78
N VAL B 120 -13.37 2.42 30.52
CA VAL B 120 -13.85 1.33 29.67
C VAL B 120 -12.71 0.39 29.30
N ILE B 121 -11.48 0.92 29.19
CA ILE B 121 -10.34 0.08 28.87
C ILE B 121 -10.14 -0.98 29.94
N GLN B 122 -10.41 -0.60 31.18
CA GLN B 122 -10.25 -1.53 32.33
C GLN B 122 -11.19 -2.72 32.16
N MET B 123 -12.43 -2.44 31.73
CA MET B 123 -13.42 -3.48 31.49
C MET B 123 -13.03 -4.31 30.26
N GLU B 124 -13.08 -5.64 30.40
CA GLU B 124 -12.82 -6.50 29.25
C GLU B 124 -13.82 -6.21 28.14
N LEU B 125 -13.30 -6.07 26.92
CA LEU B 125 -14.11 -5.67 25.77
C LEU B 125 -14.05 -6.76 24.71
N ASP B 126 -14.65 -6.48 23.56
CA ASP B 126 -14.67 -7.41 22.44
C ASP B 126 -14.26 -6.68 21.18
N HIS B 127 -13.99 -7.46 20.13
CA HIS B 127 -13.52 -6.87 18.87
C HIS B 127 -14.53 -5.88 18.33
N GLU B 128 -15.82 -6.19 18.42
CA GLU B 128 -16.84 -5.30 17.87
C GLU B 128 -16.90 -3.98 18.65
N ARG B 129 -16.79 -4.04 19.98
CA ARG B 129 -16.76 -2.82 20.77
C ARG B 129 -15.44 -2.08 20.58
N MET B 130 -14.34 -2.80 20.54
CA MET B 130 -13.04 -2.16 20.36
C MET B 130 -12.95 -1.50 18.99
N SER B 131 -13.40 -2.21 17.95
CA SER B 131 -13.35 -1.65 16.60
C SER B 131 -14.22 -0.40 16.47
N TYR B 132 -15.45 -0.44 17.02
CA TYR B 132 -16.34 0.70 16.90
C TYR B 132 -15.79 1.90 17.66
N LEU B 133 -15.18 1.68 18.82
CA LEU B 133 -14.56 2.78 19.54
C LEU B 133 -13.45 3.41 18.70
N LEU B 134 -12.63 2.57 18.07
CA LEU B 134 -11.55 3.09 17.22
C LEU B 134 -12.09 3.77 15.97
N TYR B 135 -13.13 3.20 15.35
CA TYR B 135 -13.71 3.83 14.16
C TYR B 135 -14.23 5.22 14.48
N GLN B 136 -14.90 5.37 15.62
CA GLN B 136 -15.44 6.68 16.01
C GLN B 136 -14.32 7.67 16.28
N MET B 137 -13.26 7.22 16.95
CA MET B 137 -12.12 8.10 17.21
C MET B 137 -11.52 8.61 15.91
N LEU B 138 -11.42 7.73 14.91
CA LEU B 138 -10.81 8.10 13.64
C LEU B 138 -11.66 9.12 12.88
N CYS B 139 -12.98 9.01 12.95
CA CYS B 139 -13.84 9.97 12.28
C CYS B 139 -13.81 11.32 12.97
N GLY B 140 -13.61 11.34 14.29
CA GLY B 140 -13.49 12.60 14.99
C GLY B 140 -12.23 13.35 14.60
N ILE B 141 -11.08 12.67 14.59
CA ILE B 141 -9.85 13.32 14.18
C ILE B 141 -9.90 13.70 12.70
N LYS B 142 -10.49 12.83 11.87
CA LYS B 142 -10.64 13.15 10.45
C LYS B 142 -11.46 14.42 10.25
N HIS B 143 -12.59 14.53 10.97
CA HIS B 143 -13.40 15.74 10.89
C HIS B 143 -12.63 16.94 11.43
N LEU B 144 -11.85 16.74 12.49
CA LEU B 144 -11.02 17.82 13.02
C LEU B 144 -9.89 18.16 12.05
N HIS B 145 -9.28 17.14 11.44
CA HIS B 145 -8.22 17.39 10.47
C HIS B 145 -8.75 18.04 9.20
N SER B 146 -10.00 17.78 8.84
CA SER B 146 -10.58 18.40 7.64
C SER B 146 -10.57 19.91 7.73
N ALA B 147 -10.82 20.46 8.92
CA ALA B 147 -10.77 21.90 9.13
C ALA B 147 -9.36 22.40 9.40
N GLY B 148 -8.36 21.53 9.37
CA GLY B 148 -7.00 21.92 9.63
C GLY B 148 -6.60 21.88 11.09
N ILE B 149 -7.43 21.31 11.95
CA ILE B 149 -7.20 21.32 13.39
C ILE B 149 -6.48 20.02 13.75
N ILE B 150 -5.32 20.14 14.39
CA ILE B 150 -4.56 19.00 14.87
C ILE B 150 -4.60 19.00 16.37
N HIS B 151 -4.87 17.83 16.95
CA HIS B 151 -5.04 17.76 18.40
C HIS B 151 -3.70 17.67 19.11
N ARG B 152 -2.93 16.61 18.82
CA ARG B 152 -1.62 16.35 19.42
C ARG B 152 -1.69 16.11 20.92
N ASP B 153 -2.89 16.06 21.48
CA ASP B 153 -3.08 15.89 22.91
C ASP B 153 -4.09 14.78 23.21
N LEU B 154 -4.36 13.91 22.24
CA LEU B 154 -5.36 12.87 22.43
C LEU B 154 -4.87 11.86 23.47
N LYS B 155 -5.69 11.62 24.48
CA LYS B 155 -5.33 10.72 25.57
C LYS B 155 -6.60 10.06 26.09
N PRO B 156 -6.48 8.92 26.78
CA PRO B 156 -7.67 8.23 27.29
C PRO B 156 -8.54 9.05 28.23
N SER B 157 -8.05 10.21 28.66
CA SER B 157 -8.82 11.07 29.58
C SER B 157 -9.39 12.28 28.85
N ASN B 158 -9.07 12.41 27.57
CA ASN B 158 -9.67 13.41 26.71
C ASN B 158 -10.82 12.86 25.88
N ILE B 159 -11.15 11.58 26.04
CA ILE B 159 -12.12 10.90 25.18
C ILE B 159 -13.25 10.38 26.05
N VAL B 160 -14.47 10.69 25.63
CA VAL B 160 -15.66 10.30 26.41
C VAL B 160 -16.46 9.25 25.65
N VAL B 161 -17.16 8.41 26.40
CA VAL B 161 -17.97 7.34 25.84
C VAL B 161 -19.29 7.29 26.61
N LYS B 162 -20.35 6.89 25.93
CA LYS B 162 -21.61 6.63 26.57
C LYS B 162 -21.75 5.11 26.73
N SER B 163 -22.82 4.66 27.41
CA SER B 163 -23.04 3.22 27.58
C SER B 163 -23.50 2.56 26.30
N ASP B 164 -23.97 3.34 25.32
CA ASP B 164 -24.25 2.76 23.99
C ASP B 164 -23.00 2.67 23.12
N CYS B 165 -21.83 2.84 23.73
CA CYS B 165 -20.53 2.77 23.06
C CYS B 165 -20.37 3.87 22.02
N THR B 166 -21.02 5.01 22.25
CA THR B 166 -20.87 6.18 21.40
C THR B 166 -19.75 7.05 21.93
N LEU B 167 -18.76 7.33 21.09
CA LEU B 167 -17.53 7.99 21.50
C LEU B 167 -17.58 9.46 21.07
N LYS B 168 -17.09 10.33 21.95
CA LYS B 168 -17.00 11.75 21.67
C LYS B 168 -15.65 12.25 22.17
N ILE B 169 -15.19 13.38 21.64
CA ILE B 169 -13.90 13.95 21.98
C ILE B 169 -14.13 15.27 22.70
N LEU B 170 -13.56 15.38 23.89
CA LEU B 170 -13.79 16.53 24.79
C LEU B 170 -12.98 17.75 24.40
N ASP B 171 -11.74 17.56 23.98
CA ASP B 171 -10.78 18.63 23.79
C ASP B 171 -10.51 18.81 22.30
N PHE B 172 -10.18 20.05 21.92
CA PHE B 172 -9.76 20.36 20.56
C PHE B 172 -8.24 20.53 20.48
N GLY B 173 -7.54 20.31 21.59
CA GLY B 173 -6.09 20.44 21.70
C GLY B 173 -5.68 21.89 21.54
N LEU B 174 -4.47 22.10 20.98
CA LEU B 174 -4.00 23.46 20.70
C LEU B 174 -4.28 23.83 19.27
N ALA B 175 -4.72 22.87 18.47
CA ALA B 175 -5.13 23.13 17.08
C ALA B 175 -4.04 23.86 16.30
N THR B 180 6.47 21.28 18.47
CA THR B 180 6.94 19.92 18.73
C THR B 180 6.90 19.56 20.22
N SER B 181 6.92 20.56 21.09
CA SER B 181 6.78 20.38 22.54
C SER B 181 5.74 21.33 23.11
N PHE B 182 4.84 20.81 23.94
CA PHE B 182 3.72 21.58 24.45
C PHE B 182 3.66 21.53 25.98
N MET B 183 4.82 21.41 26.63
CA MET B 183 4.91 21.39 28.08
C MET B 183 4.88 22.85 28.52
N MET B 184 3.68 23.36 28.74
CA MET B 184 3.47 24.74 29.13
C MET B 184 2.82 24.82 30.51
N THR B 185 2.43 26.04 30.88
CA THR B 185 1.62 26.33 32.06
C THR B 185 2.14 25.69 33.34
N TYR B 187 -1.27 21.96 32.39
CA TYR B 187 -1.69 21.27 31.18
C TYR B 187 -1.63 19.75 31.35
N VAL B 188 -1.04 19.06 30.38
CA VAL B 188 -1.14 17.61 30.31
C VAL B 188 0.11 16.98 30.89
N VAL B 189 -0.09 16.11 31.89
CA VAL B 189 0.99 15.34 32.49
C VAL B 189 1.26 14.06 31.73
N THR B 190 0.42 13.73 30.74
CA THR B 190 0.47 12.47 29.99
C THR B 190 1.40 12.55 28.78
N ARG B 191 2.65 12.12 28.97
CA ARG B 191 3.59 12.01 27.86
C ARG B 191 3.44 10.70 27.12
N TYR B 192 2.73 9.72 27.70
CA TYR B 192 2.71 8.35 27.19
C TYR B 192 2.23 8.27 25.74
N TYR B 193 1.30 9.14 25.35
CA TYR B 193 0.62 9.02 24.07
C TYR B 193 1.12 10.04 23.06
N ARG B 194 2.25 10.67 23.32
CA ARG B 194 2.82 11.63 22.39
C ARG B 194 3.61 10.88 21.33
N ALA B 195 3.69 11.48 20.14
CA ALA B 195 4.36 10.82 19.04
C ALA B 195 5.87 10.87 19.26
N PRO B 196 6.64 10.08 18.52
CA PRO B 196 8.10 10.21 18.63
C PRO B 196 8.62 11.52 18.09
N GLU B 197 8.04 12.01 16.99
CA GLU B 197 8.55 13.22 16.35
C GLU B 197 8.48 14.43 17.28
N VAL B 198 7.38 14.57 18.04
CA VAL B 198 7.26 15.68 18.97
C VAL B 198 8.25 15.54 20.13
N ILE B 199 8.62 14.31 20.49
CA ILE B 199 9.50 14.13 21.64
C ILE B 199 10.94 14.49 21.30
N LEU B 200 11.31 14.42 20.03
CA LEU B 200 12.65 14.78 19.58
C LEU B 200 12.70 16.15 18.90
N GLY B 201 11.59 16.89 18.91
CA GLY B 201 11.58 18.19 18.26
C GLY B 201 11.71 18.15 16.75
N MET B 202 11.16 17.11 16.11
CA MET B 202 11.30 16.95 14.68
C MET B 202 10.30 17.75 13.87
N GLY B 203 9.20 18.18 14.47
CA GLY B 203 8.09 18.72 13.72
C GLY B 203 6.93 17.74 13.68
N TYR B 204 5.78 18.26 13.27
CA TYR B 204 4.55 17.50 13.29
C TYR B 204 3.82 17.62 11.96
N LYS B 205 3.20 16.53 11.54
CA LYS B 205 2.25 16.52 10.44
C LYS B 205 0.95 15.92 10.97
N GLU B 206 0.01 15.62 10.05
CA GLU B 206 -1.30 15.18 10.49
C GLU B 206 -1.33 13.75 11.02
N ASN B 207 -0.26 12.98 10.82
CA ASN B 207 -0.22 11.60 11.30
C ASN B 207 0.26 11.48 12.75
N VAL B 208 0.48 12.61 13.43
CA VAL B 208 0.87 12.55 14.84
C VAL B 208 -0.27 11.97 15.67
N ASP B 209 -1.52 12.29 15.33
CA ASP B 209 -2.66 11.77 16.07
C ASP B 209 -2.80 10.26 15.88
N ILE B 210 -2.35 9.74 14.75
CA ILE B 210 -2.37 8.30 14.52
C ILE B 210 -1.55 7.58 15.58
N TRP B 211 -0.44 8.18 16.01
CA TRP B 211 0.40 7.54 17.04
C TRP B 211 -0.36 7.30 18.34
N SER B 212 -1.10 8.30 18.83
CA SER B 212 -1.82 8.18 20.10
C SER B 212 -2.93 7.14 20.01
N VAL B 213 -3.68 7.15 18.92
CA VAL B 213 -4.74 6.16 18.77
C VAL B 213 -4.15 4.76 18.72
N GLY B 214 -2.93 4.64 18.18
CA GLY B 214 -2.24 3.36 18.24
C GLY B 214 -1.86 2.99 19.66
N CYS B 215 -1.39 3.97 20.44
CA CYS B 215 -1.04 3.69 21.84
C CYS B 215 -2.29 3.49 22.69
N ILE B 216 -3.39 4.17 22.36
CA ILE B 216 -4.63 3.95 23.08
C ILE B 216 -5.19 2.56 22.77
N MET B 217 -5.14 2.16 21.50
CA MET B 217 -5.63 0.84 21.12
C MET B 217 -4.79 -0.26 21.76
N GLY B 218 -3.47 -0.08 21.80
CA GLY B 218 -2.61 -1.07 22.44
C GLY B 218 -2.87 -1.23 23.91
N GLU B 219 -3.25 -0.14 24.59
CA GLU B 219 -3.56 -0.22 26.01
C GLU B 219 -4.80 -1.07 26.26
N MET B 220 -5.79 -0.98 25.37
CA MET B 220 -6.98 -1.82 25.48
C MET B 220 -6.61 -3.30 25.51
N ILE B 221 -5.78 -3.73 24.56
CA ILE B 221 -5.43 -5.15 24.45
C ILE B 221 -4.60 -5.59 25.64
N LYS B 222 -3.51 -4.88 25.91
CA LYS B 222 -2.60 -5.29 26.97
C LYS B 222 -3.19 -5.10 28.37
N GLY B 223 -4.00 -4.06 28.56
CA GLY B 223 -4.54 -3.76 29.86
C GLY B 223 -3.71 -2.79 30.67
N GLY B 224 -2.64 -2.23 30.10
CA GLY B 224 -1.82 -1.26 30.79
C GLY B 224 -1.19 -0.30 29.79
N VAL B 225 -0.56 0.74 30.33
CA VAL B 225 0.06 1.74 29.47
C VAL B 225 1.11 1.08 28.59
N LEU B 226 1.06 1.39 27.30
CA LEU B 226 1.97 0.77 26.34
C LEU B 226 3.41 1.17 26.61
N PHE B 227 3.67 2.47 26.70
CA PHE B 227 5.01 3.02 26.92
C PHE B 227 5.01 3.81 28.23
N PRO B 228 5.29 3.17 29.36
CA PRO B 228 5.38 3.95 30.61
C PRO B 228 6.77 4.52 30.79
N GLY B 229 6.90 5.83 30.66
CA GLY B 229 8.18 6.51 30.78
C GLY B 229 8.19 7.39 32.01
N THR B 230 9.21 7.20 32.84
CA THR B 230 9.34 7.99 34.06
C THR B 230 9.58 9.45 33.75
N ASP B 231 10.59 9.76 32.93
CA ASP B 231 10.94 11.14 32.61
C ASP B 231 10.71 11.43 31.13
N HIS B 232 11.23 12.57 30.68
CA HIS B 232 10.97 13.04 29.32
C HIS B 232 11.56 12.10 28.28
N ILE B 233 12.83 11.72 28.44
CA ILE B 233 13.51 10.90 27.45
C ILE B 233 13.50 9.43 27.85
N ASP B 234 12.94 9.10 29.01
CA ASP B 234 12.55 7.73 29.28
C ASP B 234 11.45 7.28 28.31
N GLN B 235 10.59 8.22 27.90
CA GLN B 235 9.60 7.93 26.87
C GLN B 235 10.25 7.38 25.60
N TRP B 236 11.27 8.07 25.09
CA TRP B 236 11.91 7.62 23.87
C TRP B 236 12.54 6.24 24.03
N ASN B 237 13.19 6.00 25.18
CA ASN B 237 13.80 4.70 25.42
C ASN B 237 12.75 3.60 25.52
N LYS B 238 11.61 3.89 26.14
CA LYS B 238 10.55 2.89 26.26
C LYS B 238 10.02 2.48 24.89
N VAL B 239 9.90 3.44 23.98
CA VAL B 239 9.37 3.15 22.65
C VAL B 239 10.33 2.27 21.86
N ILE B 240 11.60 2.66 21.80
CA ILE B 240 12.57 1.92 21.00
C ILE B 240 12.90 0.56 21.60
N GLU B 241 12.71 0.39 22.91
CA GLU B 241 12.99 -0.90 23.53
C GLU B 241 12.11 -2.01 22.95
N GLN B 242 10.85 -1.69 22.65
CA GLN B 242 9.91 -2.66 22.10
C GLN B 242 9.76 -2.55 20.59
N LEU B 243 9.57 -1.33 20.07
CA LEU B 243 9.39 -1.14 18.64
C LEU B 243 10.68 -1.45 17.87
N GLY B 244 11.81 -0.88 18.29
CA GLY B 244 13.07 -1.12 17.63
C GLY B 244 13.83 0.17 17.35
N THR B 245 15.12 0.05 17.07
CA THR B 245 15.93 1.22 16.78
C THR B 245 15.66 1.73 15.36
N PRO B 246 15.40 3.03 15.18
CA PRO B 246 15.09 3.53 13.83
C PRO B 246 16.25 3.41 12.86
N CYS B 247 15.90 3.30 11.59
CA CYS B 247 16.89 3.17 10.52
C CYS B 247 17.59 4.51 10.26
N PRO B 248 18.76 4.49 9.61
CA PRO B 248 19.57 5.72 9.55
C PRO B 248 18.89 6.91 8.92
N GLU B 249 18.06 6.70 7.89
CA GLU B 249 17.43 7.82 7.21
C GLU B 249 16.60 8.67 8.16
N PHE B 250 15.98 8.04 9.16
CA PHE B 250 15.16 8.78 10.13
C PHE B 250 16.01 9.77 10.91
N MET B 251 17.19 9.35 11.37
CA MET B 251 18.06 10.20 12.17
C MET B 251 18.67 11.34 11.35
N LYS B 252 18.60 11.28 10.02
CA LYS B 252 19.16 12.35 9.21
C LYS B 252 18.43 13.66 9.46
N LYS B 253 17.11 13.60 9.66
CA LYS B 253 16.30 14.78 9.90
C LYS B 253 16.31 15.20 11.37
N LEU B 254 17.01 14.43 12.19
CA LEU B 254 17.05 14.74 13.65
C LEU B 254 17.89 15.98 13.92
N GLN B 255 17.56 16.70 14.99
CA GLN B 255 18.35 17.88 15.38
C GLN B 255 19.71 17.35 15.85
N PRO B 256 20.81 18.10 15.63
CA PRO B 256 22.15 17.60 15.91
C PRO B 256 22.38 17.26 17.37
N THR B 257 21.92 18.10 18.28
CA THR B 257 22.18 17.82 19.70
C THR B 257 21.55 16.47 20.08
N VAL B 258 20.34 16.17 19.58
CA VAL B 258 19.68 14.88 19.92
C VAL B 258 20.10 13.79 18.94
N ARG B 259 20.48 14.15 17.71
CA ARG B 259 20.90 13.12 16.73
C ARG B 259 22.05 12.34 17.37
N THR B 260 23.02 13.07 17.92
CA THR B 260 24.11 12.46 18.67
C THR B 260 23.59 11.44 19.67
N TYR B 261 22.64 11.86 20.51
CA TYR B 261 22.18 11.03 21.63
C TYR B 261 21.49 9.76 21.14
N VAL B 262 20.66 9.86 20.10
CA VAL B 262 19.94 8.69 19.59
C VAL B 262 20.90 7.63 19.08
N GLU B 263 21.88 8.03 18.27
CA GLU B 263 22.82 7.07 17.71
C GLU B 263 23.73 6.49 18.79
N ASN B 264 24.06 7.28 19.81
CA ASN B 264 25.03 6.84 20.81
C ASN B 264 24.43 5.79 21.75
N ARG B 265 23.10 5.80 21.92
CA ARG B 265 22.45 4.93 22.88
C ARG B 265 22.33 3.51 22.35
N PRO B 266 22.14 2.53 23.24
CA PRO B 266 22.16 1.12 22.83
C PRO B 266 21.14 0.80 21.75
N LYS B 267 21.56 0.00 20.77
CA LYS B 267 20.67 -0.41 19.69
C LYS B 267 19.76 -1.54 20.16
N TYR B 268 18.49 -1.47 19.77
CA TYR B 268 17.49 -2.47 20.09
C TYR B 268 16.87 -2.96 18.78
N ALA B 269 16.87 -4.27 18.57
CA ALA B 269 16.18 -4.82 17.41
C ALA B 269 14.68 -4.60 17.52
N GLY B 270 14.12 -4.78 18.70
CA GLY B 270 12.69 -4.58 18.91
C GLY B 270 11.90 -5.86 18.69
N TYR B 271 10.74 -5.93 19.34
CA TYR B 271 9.87 -7.08 19.18
C TYR B 271 8.84 -6.84 18.08
N SER B 272 8.48 -7.92 17.40
CA SER B 272 7.39 -7.85 16.43
C SER B 272 6.07 -7.88 17.18
N PHE B 273 5.02 -7.35 16.54
CA PHE B 273 3.73 -7.19 17.18
C PHE B 273 3.12 -8.51 17.66
N GLU B 274 3.52 -9.64 17.07
CA GLU B 274 2.98 -10.92 17.52
C GLU B 274 3.42 -11.26 18.94
N LYS B 275 4.65 -10.88 19.32
CA LYS B 275 5.08 -11.05 20.70
C LYS B 275 4.81 -9.81 21.54
N LEU B 276 4.72 -8.64 20.89
CA LEU B 276 4.23 -7.45 21.59
C LEU B 276 2.76 -7.59 21.94
N PHE B 277 1.97 -8.19 21.06
CA PHE B 277 0.54 -8.38 21.26
C PHE B 277 0.21 -9.85 21.01
N PRO B 278 0.49 -10.73 21.97
CA PRO B 278 0.24 -12.16 21.77
C PRO B 278 -1.24 -12.48 21.75
N ASP B 279 -1.55 -13.65 21.19
CA ASP B 279 -2.95 -14.05 21.02
C ASP B 279 -3.71 -14.21 22.33
N VAL B 280 -3.01 -14.45 23.44
CA VAL B 280 -3.70 -14.62 24.72
C VAL B 280 -4.37 -13.33 25.15
N LEU B 281 -3.73 -12.20 24.85
CA LEU B 281 -4.31 -10.91 25.21
C LEU B 281 -5.62 -10.65 24.45
N PHE B 282 -5.69 -11.05 23.19
CA PHE B 282 -6.89 -10.90 22.38
C PHE B 282 -7.93 -11.95 22.77
N PRO B 283 -9.18 -11.78 22.33
CA PRO B 283 -10.18 -12.86 22.43
C PRO B 283 -9.90 -13.96 21.41
N ALA B 284 -10.15 -15.20 21.81
CA ALA B 284 -9.68 -16.34 21.02
C ALA B 284 -10.76 -17.41 20.86
N ASP B 285 -10.32 -18.59 20.40
CA ASP B 285 -11.11 -19.81 20.17
C ASP B 285 -12.23 -19.67 19.14
N SER B 286 -11.89 -19.16 17.96
CA SER B 286 -12.76 -19.14 16.79
C SER B 286 -12.04 -18.44 15.66
N GLU B 287 -12.37 -18.83 14.41
CA GLU B 287 -11.70 -18.27 13.23
C GLU B 287 -11.82 -16.75 13.17
N HIS B 288 -13.00 -16.22 13.49
CA HIS B 288 -13.18 -14.78 13.48
C HIS B 288 -12.27 -14.11 14.49
N ASN B 289 -12.16 -14.67 15.69
CA ASN B 289 -11.27 -14.11 16.70
C ASN B 289 -9.81 -14.20 16.27
N LYS B 290 -9.41 -15.33 15.68
CA LYS B 290 -8.03 -15.46 15.21
C LYS B 290 -7.73 -14.49 14.08
N LEU B 291 -8.68 -14.34 13.14
CA LEU B 291 -8.48 -13.43 12.02
C LEU B 291 -8.55 -11.99 12.47
N LYS B 292 -9.48 -11.68 13.35
CA LYS B 292 -9.56 -10.34 13.90
C LYS B 292 -8.42 -10.03 14.86
N ALA B 293 -7.81 -11.07 15.43
CA ALA B 293 -6.55 -10.87 16.14
C ALA B 293 -5.45 -10.43 15.17
N SER B 294 -5.37 -11.10 14.02
CA SER B 294 -4.37 -10.76 13.01
C SER B 294 -4.66 -9.41 12.36
N GLN B 295 -5.93 -9.07 12.20
CA GLN B 295 -6.26 -7.78 11.61
C GLN B 295 -6.08 -6.64 12.61
N ALA B 296 -6.18 -6.94 13.91
CA ALA B 296 -5.82 -5.95 14.92
C ALA B 296 -4.33 -5.67 14.91
N ARG B 297 -3.51 -6.73 14.88
CA ARG B 297 -2.06 -6.55 14.88
C ARG B 297 -1.59 -5.83 13.63
N ASP B 298 -2.19 -6.15 12.48
CA ASP B 298 -1.78 -5.49 11.24
C ASP B 298 -1.99 -3.99 11.30
N LEU B 299 -3.11 -3.56 11.89
CA LEU B 299 -3.40 -2.13 11.98
C LEU B 299 -2.48 -1.43 12.96
N LEU B 300 -2.12 -2.11 14.05
CA LEU B 300 -1.15 -1.55 14.99
C LEU B 300 0.23 -1.44 14.36
N SER B 301 0.60 -2.40 13.51
CA SER B 301 1.87 -2.33 12.79
C SER B 301 1.94 -1.10 11.92
N LYS B 302 0.86 -0.78 11.20
CA LYS B 302 0.84 0.38 10.32
C LYS B 302 0.65 1.70 11.07
N MET B 303 0.21 1.65 12.33
CA MET B 303 0.01 2.86 13.11
C MET B 303 1.12 3.14 14.10
N LEU B 304 1.73 2.10 14.68
CA LEU B 304 2.85 2.29 15.61
C LEU B 304 4.16 2.21 14.83
N VAL B 305 4.36 3.22 13.99
CA VAL B 305 5.58 3.41 13.21
C VAL B 305 6.30 4.62 13.76
N ILE B 306 7.59 4.47 14.08
CA ILE B 306 8.31 5.60 14.66
C ILE B 306 8.58 6.65 13.59
N ASP B 307 8.88 6.20 12.38
CA ASP B 307 9.09 7.09 11.25
C ASP B 307 7.74 7.59 10.75
N ALA B 308 7.57 8.91 10.72
CA ALA B 308 6.31 9.49 10.27
C ALA B 308 6.03 9.13 8.81
N SER B 309 7.09 9.01 8.00
CA SER B 309 6.91 8.86 6.56
C SER B 309 6.33 7.51 6.16
N LYS B 310 6.52 6.46 6.96
CA LYS B 310 5.87 5.18 6.72
C LYS B 310 4.67 4.93 7.62
N ARG B 311 4.18 5.96 8.31
CA ARG B 311 2.97 5.83 9.11
C ARG B 311 1.72 5.98 8.25
N ILE B 312 0.68 5.22 8.59
CA ILE B 312 -0.58 5.25 7.85
C ILE B 312 -1.37 6.50 8.20
N SER B 313 -2.15 6.98 7.22
CA SER B 313 -2.96 8.18 7.33
C SER B 313 -4.35 7.84 7.87
N VAL B 314 -5.14 8.89 8.13
CA VAL B 314 -6.45 8.69 8.74
C VAL B 314 -7.42 8.08 7.73
N ASP B 315 -7.30 8.45 6.46
CA ASP B 315 -8.17 7.89 5.42
C ASP B 315 -7.92 6.40 5.20
N GLU B 316 -6.65 6.00 5.12
CA GLU B 316 -6.34 4.59 4.95
C GLU B 316 -6.70 3.77 6.17
N ALA B 317 -6.58 4.34 7.37
CA ALA B 317 -6.95 3.62 8.57
C ALA B 317 -8.45 3.36 8.62
N LEU B 318 -9.26 4.30 8.13
CA LEU B 318 -10.71 4.11 8.09
C LEU B 318 -11.12 3.06 7.06
N GLN B 319 -10.31 2.86 6.03
CA GLN B 319 -10.59 1.85 5.01
C GLN B 319 -9.89 0.52 5.33
N HIS B 320 -9.39 0.34 6.55
CA HIS B 320 -8.77 -0.90 6.95
C HIS B 320 -9.86 -1.94 7.29
N PRO B 321 -9.62 -3.22 6.95
CA PRO B 321 -10.64 -4.25 7.24
C PRO B 321 -11.09 -4.32 8.69
N TYR B 322 -10.21 -4.02 9.65
CA TYR B 322 -10.63 -4.03 11.04
C TYR B 322 -11.64 -2.91 11.33
N ILE B 323 -11.54 -1.80 10.61
CA ILE B 323 -12.37 -0.64 10.86
C ILE B 323 -13.44 -0.43 9.78
N ASN B 324 -13.25 -0.98 8.59
CA ASN B 324 -14.16 -0.71 7.47
C ASN B 324 -15.57 -1.25 7.71
N VAL B 325 -15.76 -2.16 8.66
CA VAL B 325 -17.07 -2.75 8.87
C VAL B 325 -18.09 -1.71 9.30
N TRP B 326 -17.66 -0.67 10.03
CA TRP B 326 -18.54 0.38 10.52
C TRP B 326 -18.60 1.60 9.60
N TYR B 327 -18.13 1.48 8.35
CA TYR B 327 -17.98 2.65 7.50
C TYR B 327 -19.35 3.21 7.09
N ASP B 328 -19.62 4.44 7.51
CA ASP B 328 -20.80 5.20 7.09
C ASP B 328 -20.34 6.59 6.67
N PRO B 329 -20.67 7.04 5.46
CA PRO B 329 -20.11 8.31 4.96
C PRO B 329 -20.57 9.54 5.73
N SER B 330 -21.73 9.50 6.41
CA SER B 330 -22.13 10.63 7.25
C SER B 330 -21.13 10.87 8.37
N GLU B 331 -20.76 9.79 9.07
CA GLU B 331 -19.82 9.94 10.18
C GLU B 331 -18.43 10.33 9.68
N ALA B 332 -17.96 9.70 8.61
CA ALA B 332 -16.63 9.94 8.07
C ALA B 332 -16.60 11.12 7.12
N GLU B 333 -17.31 11.00 5.99
CA GLU B 333 -17.29 12.03 4.95
C GLU B 333 -18.31 13.14 5.25
N ALA B 334 -18.12 13.77 6.40
CA ALA B 334 -18.99 14.88 6.75
C ALA B 334 -18.46 16.17 6.14
N PRO B 335 -19.30 17.19 6.00
CA PRO B 335 -18.82 18.49 5.51
C PRO B 335 -17.91 19.14 6.53
N PRO B 336 -16.80 19.74 6.10
CA PRO B 336 -15.83 20.28 7.06
C PRO B 336 -16.39 21.51 7.77
N PRO B 337 -16.04 21.70 9.04
CA PRO B 337 -16.53 22.88 9.76
C PRO B 337 -15.60 24.06 9.55
N LYS B 338 -15.98 24.99 8.68
CA LYS B 338 -15.17 26.15 8.36
C LYS B 338 -15.55 27.33 9.24
N ILE B 339 -14.52 27.99 9.80
CA ILE B 339 -14.78 29.20 10.64
C ILE B 339 -14.16 30.41 9.93
N PRO B 340 -14.69 30.84 8.76
CA PRO B 340 -14.11 31.95 8.01
C PRO B 340 -14.70 33.29 8.47
N LYS B 342 -12.39 37.43 9.88
CA LYS B 342 -11.93 37.89 11.22
C LYS B 342 -11.96 36.71 12.20
N GLN B 343 -13.03 35.91 12.15
CA GLN B 343 -13.17 34.73 13.05
C GLN B 343 -11.95 33.82 12.84
N LEU B 344 -11.05 34.19 11.93
CA LEU B 344 -9.83 33.38 11.66
C LEU B 344 -8.66 33.97 12.45
N ASP B 345 -8.11 33.24 13.42
CA ASP B 345 -7.02 33.75 14.24
C ASP B 345 -6.00 32.69 14.58
N GLU B 346 -4.72 33.05 14.45
CA GLU B 346 -3.63 32.31 15.05
C GLU B 346 -2.73 33.21 15.89
N ARG B 347 -3.16 34.44 16.17
CA ARG B 347 -2.30 35.47 16.73
C ARG B 347 -2.63 35.71 18.18
N GLU B 348 -1.84 36.59 18.80
CA GLU B 348 -1.97 36.91 20.21
C GLU B 348 -2.31 38.39 20.31
N HIS B 349 -2.89 38.76 21.45
CA HIS B 349 -3.26 40.15 21.70
C HIS B 349 -3.08 40.45 23.19
N THR B 350 -3.46 41.67 23.56
CA THR B 350 -3.39 42.08 24.96
C THR B 350 -4.40 41.29 25.78
N ILE B 351 -4.09 41.10 27.06
CA ILE B 351 -5.04 40.49 27.99
C ILE B 351 -6.36 41.24 27.98
N GLU B 352 -6.31 42.57 27.98
CA GLU B 352 -7.54 43.36 27.94
C GLU B 352 -8.29 43.15 26.63
N GLU B 353 -7.56 43.04 25.52
CA GLU B 353 -8.21 42.75 24.24
C GLU B 353 -8.81 41.35 24.23
N TRP B 354 -8.13 40.38 24.86
CA TRP B 354 -8.68 39.03 24.95
C TRP B 354 -9.99 39.01 25.74
N LYS B 355 -10.00 39.66 26.90
CA LYS B 355 -11.20 39.66 27.74
C LYS B 355 -12.38 40.28 27.01
N GLU B 356 -12.13 41.36 26.26
CA GLU B 356 -13.20 41.99 25.50
C GLU B 356 -13.67 41.06 24.37
N LEU B 357 -12.73 40.33 23.75
CA LEU B 357 -13.09 39.51 22.59
C LEU B 357 -13.89 38.28 22.98
N ILE B 358 -13.49 37.56 24.04
CA ILE B 358 -14.28 36.40 24.45
C ILE B 358 -15.61 36.84 25.02
N TYR B 359 -15.66 38.01 25.67
CA TYR B 359 -16.91 38.52 26.20
C TYR B 359 -17.97 38.69 25.11
N LYS B 360 -17.58 39.20 23.95
CA LYS B 360 -18.57 39.35 22.89
C LYS B 360 -19.02 37.98 22.37
N GLU B 361 -18.14 36.97 22.46
CA GLU B 361 -18.54 35.62 22.08
C GLU B 361 -19.57 35.06 23.07
N VAL B 362 -19.28 35.14 24.37
CA VAL B 362 -20.20 34.59 25.36
C VAL B 362 -21.46 35.44 25.45
N MET B 363 -21.34 36.75 25.28
CA MET B 363 -22.43 37.69 25.49
C MET B 363 -23.28 37.94 24.25
N ASP B 364 -23.07 37.20 23.17
CA ASP B 364 -23.88 37.37 21.96
C ASP B 364 -24.52 36.03 21.66
N LEU B 365 -25.56 35.72 22.42
CA LEU B 365 -26.28 34.46 22.29
C LEU B 365 -27.40 34.55 21.26
N ASN C 10 2.59 30.19 -56.97
CA ASN C 10 3.71 31.11 -56.86
C ASN C 10 4.83 30.50 -56.02
N ASN C 11 4.60 30.44 -54.71
CA ASN C 11 5.52 29.84 -53.77
C ASN C 11 5.15 28.41 -53.40
N PHE C 12 4.31 27.75 -54.21
CA PHE C 12 3.78 26.44 -53.86
C PHE C 12 4.29 25.35 -54.80
N TYR C 13 4.54 24.19 -54.19
CA TYR C 13 4.96 22.99 -54.95
C TYR C 13 4.09 21.85 -54.40
N SER C 14 3.86 20.79 -55.18
CA SER C 14 2.91 19.76 -54.72
C SER C 14 3.53 18.37 -54.58
N VAL C 15 3.11 17.65 -53.55
CA VAL C 15 3.59 16.26 -53.34
C VAL C 15 2.38 15.40 -52.98
N GLU C 16 2.44 14.11 -53.29
CA GLU C 16 1.32 13.19 -52.97
C GLU C 16 1.64 12.44 -51.69
N ILE C 17 1.12 12.92 -50.56
CA ILE C 17 1.32 12.26 -49.28
C ILE C 17 0.15 11.31 -49.02
N GLY C 18 0.47 10.09 -48.59
CA GLY C 18 -0.59 9.15 -48.27
C GLY C 18 -1.55 8.86 -49.38
N ASP C 19 -1.14 9.04 -50.65
CA ASP C 19 -2.05 8.92 -51.80
C ASP C 19 -3.07 10.04 -51.79
N SER C 20 -2.67 11.20 -51.27
CA SER C 20 -3.51 12.39 -51.23
C SER C 20 -2.67 13.59 -51.63
N THR C 21 -3.35 14.60 -52.17
CA THR C 21 -2.65 15.78 -52.69
C THR C 21 -2.22 16.68 -51.54
N PHE C 22 -0.91 16.92 -51.42
CA PHE C 22 -0.37 17.86 -50.45
C PHE C 22 0.44 18.90 -51.19
N THR C 23 -0.04 20.14 -51.20
CA THR C 23 0.67 21.25 -51.84
C THR C 23 1.04 22.25 -50.76
N VAL C 24 2.33 22.57 -50.68
CA VAL C 24 2.89 23.36 -49.59
C VAL C 24 3.67 24.52 -50.18
N LEU C 25 4.02 25.46 -49.30
CA LEU C 25 4.99 26.47 -49.69
C LEU C 25 6.34 25.81 -49.92
N LYS C 26 7.13 26.40 -50.82
CA LYS C 26 8.45 25.84 -51.13
C LYS C 26 9.40 25.91 -49.95
N ARG C 27 9.07 26.69 -48.91
CA ARG C 27 9.89 26.74 -47.71
C ARG C 27 10.00 25.36 -47.07
N TYR C 28 8.92 24.59 -47.09
CA TYR C 28 8.88 23.26 -46.49
C TYR C 28 9.28 22.20 -47.53
N GLN C 29 10.24 21.34 -47.17
CA GLN C 29 10.78 20.35 -48.10
C GLN C 29 10.90 19.00 -47.40
N ASN C 30 11.21 17.97 -48.19
CA ASN C 30 11.36 16.58 -47.67
C ASN C 30 10.18 16.24 -46.77
N LEU C 31 8.97 16.54 -47.23
CA LEU C 31 7.77 16.17 -46.44
C LEU C 31 7.83 14.68 -46.17
N LYS C 32 7.50 14.28 -44.95
CA LYS C 32 7.42 12.84 -44.65
C LYS C 32 6.23 12.66 -43.70
N PRO C 33 5.34 11.68 -43.91
CA PRO C 33 4.12 11.59 -43.09
C PRO C 33 4.43 11.06 -41.69
N ILE C 34 3.91 11.79 -40.70
CA ILE C 34 4.10 11.44 -39.26
C ILE C 34 2.75 11.01 -38.66
N GLY C 35 1.64 11.24 -39.37
CA GLY C 35 0.36 10.81 -38.86
C GLY C 35 0.28 9.30 -38.80
N SER C 36 -0.53 8.81 -37.86
CA SER C 36 -0.73 7.35 -37.68
C SER C 36 -1.93 6.87 -38.50
N GLY C 37 -2.43 7.70 -39.44
CA GLY C 37 -3.56 7.30 -40.26
C GLY C 37 -4.93 7.74 -39.76
N ALA C 38 -4.95 8.54 -38.71
CA ALA C 38 -6.25 9.02 -38.21
C ALA C 38 -6.07 10.39 -37.56
N GLN C 39 -7.19 11.03 -37.25
CA GLN C 39 -7.20 12.33 -36.59
C GLN C 39 -6.32 13.35 -37.32
N GLY C 40 -6.55 13.49 -38.62
CA GLY C 40 -5.82 14.44 -39.43
C GLY C 40 -4.68 13.80 -40.20
N ILE C 41 -4.21 14.52 -41.22
CA ILE C 41 -3.12 14.07 -42.08
C ILE C 41 -1.96 15.06 -41.94
N VAL C 42 -1.01 14.62 -41.11
CA VAL C 42 0.17 15.40 -40.69
C VAL C 42 1.48 14.82 -41.23
N CYS C 43 2.45 15.67 -41.54
CA CYS C 43 3.74 15.14 -41.96
C CYS C 43 4.85 16.08 -41.50
N ALA C 44 6.08 15.61 -41.61
CA ALA C 44 7.26 16.35 -41.17
C ALA C 44 7.96 17.00 -42.35
N ALA C 45 8.43 18.23 -42.14
CA ALA C 45 9.12 19.02 -43.13
C ALA C 45 10.11 19.95 -42.45
N TYR C 46 10.91 20.61 -43.27
CA TYR C 46 11.88 21.61 -42.83
C TYR C 46 11.43 22.97 -43.33
N ASP C 47 11.19 23.90 -42.41
CA ASP C 47 10.82 25.28 -42.74
C ASP C 47 12.10 26.08 -42.90
N ALA C 48 12.42 26.45 -44.14
CA ALA C 48 13.70 27.09 -44.43
C ALA C 48 13.79 28.48 -43.80
N ILE C 49 12.71 29.26 -43.87
CA ILE C 49 12.77 30.66 -43.43
C ILE C 49 13.06 30.74 -41.94
N LEU C 50 12.43 29.86 -41.15
CA LEU C 50 12.68 29.80 -39.72
C LEU C 50 13.68 28.73 -39.34
N GLU C 51 14.23 28.02 -40.32
CA GLU C 51 15.32 27.05 -40.12
C GLU C 51 14.95 26.03 -39.04
N ARG C 52 13.75 25.47 -39.16
CA ARG C 52 13.26 24.49 -38.19
C ARG C 52 12.44 23.42 -38.88
N ASN C 53 12.59 22.18 -38.40
CA ASN C 53 11.74 21.09 -38.86
C ASN C 53 10.33 21.28 -38.30
N VAL C 54 9.32 21.11 -39.15
CA VAL C 54 7.96 21.51 -38.80
C VAL C 54 6.96 20.41 -39.18
N ALA C 55 5.85 20.39 -38.44
CA ALA C 55 4.72 19.46 -38.68
C ALA C 55 3.62 20.25 -39.37
N ILE C 56 3.11 19.73 -40.48
CA ILE C 56 2.10 20.42 -41.28
C ILE C 56 0.82 19.62 -41.29
N LYS C 57 -0.31 20.29 -41.17
CA LYS C 57 -1.57 19.53 -41.24
C LYS C 57 -2.53 20.20 -42.22
N LYS C 58 -3.06 19.41 -43.15
CA LYS C 58 -4.10 19.80 -44.09
C LYS C 58 -5.43 19.42 -43.45
N LEU C 59 -6.29 20.40 -43.21
CA LEU C 59 -7.56 20.15 -42.53
C LEU C 59 -8.52 19.47 -43.49
N SER C 60 -9.00 18.30 -43.08
CA SER C 60 -9.87 17.46 -43.90
C SER C 60 -11.25 18.11 -44.04
N ARG C 61 -11.68 18.32 -45.30
CA ARG C 61 -13.03 18.73 -45.68
C ARG C 61 -13.55 19.94 -44.90
N PRO C 62 -12.96 21.12 -45.07
CA PRO C 62 -13.44 22.27 -44.28
C PRO C 62 -14.86 22.69 -44.62
N PHE C 63 -15.25 22.69 -45.90
CA PHE C 63 -16.58 23.16 -46.29
C PHE C 63 -17.51 22.03 -46.72
N GLN C 64 -17.14 20.78 -46.47
CA GLN C 64 -18.05 19.69 -46.80
C GLN C 64 -19.25 19.67 -45.85
N ASN C 65 -19.05 20.11 -44.62
CA ASN C 65 -20.07 19.93 -43.60
C ASN C 65 -20.05 21.09 -42.62
N GLN C 66 -21.05 21.08 -41.74
CA GLN C 66 -21.06 21.97 -40.59
C GLN C 66 -20.12 21.48 -39.49
N THR C 67 -19.97 20.15 -39.34
CA THR C 67 -19.25 19.59 -38.20
C THR C 67 -17.74 19.90 -38.24
N HIS C 68 -17.09 19.79 -39.39
CA HIS C 68 -15.68 20.19 -39.45
C HIS C 68 -15.56 21.71 -39.31
N ALA C 69 -16.40 22.47 -40.01
CA ALA C 69 -16.25 23.92 -40.02
C ALA C 69 -16.40 24.49 -38.62
N LYS C 70 -17.38 24.01 -37.86
CA LYS C 70 -17.57 24.52 -36.51
C LYS C 70 -16.36 24.22 -35.63
N ARG C 71 -15.76 23.03 -35.80
CA ARG C 71 -14.55 22.69 -35.08
C ARG C 71 -13.33 23.33 -35.74
N ALA C 72 -13.30 23.36 -37.07
CA ALA C 72 -12.17 23.99 -37.77
C ALA C 72 -12.12 25.48 -37.49
N TYR C 73 -13.27 26.17 -37.54
CA TYR C 73 -13.26 27.59 -37.24
C TYR C 73 -12.77 27.81 -35.82
N ARG C 74 -13.19 26.93 -34.91
CA ARG C 74 -12.87 27.17 -33.51
C ARG C 74 -11.40 26.96 -33.26
N GLU C 75 -10.84 25.87 -33.76
CA GLU C 75 -9.50 25.46 -33.36
C GLU C 75 -8.45 26.51 -33.70
N LEU C 76 -8.59 27.18 -34.85
CA LEU C 76 -7.55 28.11 -35.30
C LEU C 76 -7.58 29.42 -34.54
N VAL C 77 -8.76 29.96 -34.27
CA VAL C 77 -8.82 31.24 -33.58
C VAL C 77 -8.38 31.08 -32.14
N LEU C 78 -8.68 29.94 -31.52
CA LEU C 78 -8.21 29.72 -30.16
C LEU C 78 -6.72 29.41 -30.17
N MET C 79 -6.27 28.68 -31.19
CA MET C 79 -4.84 28.46 -31.37
C MET C 79 -4.12 29.75 -31.76
N LYS C 80 -4.83 30.69 -32.39
CA LYS C 80 -4.23 31.97 -32.75
C LYS C 80 -3.87 32.80 -31.51
N CYS C 81 -4.68 32.72 -30.46
CA CYS C 81 -4.56 33.57 -29.28
C CYS C 81 -4.22 32.76 -28.03
N VAL C 82 -3.46 31.69 -28.19
CA VAL C 82 -3.07 30.82 -27.09
C VAL C 82 -1.58 31.02 -26.81
N ASN C 83 -1.25 31.32 -25.56
CA ASN C 83 0.13 31.58 -25.13
C ASN C 83 0.46 30.75 -23.90
N HIS C 84 0.99 29.55 -24.09
CA HIS C 84 1.45 28.72 -22.99
C HIS C 84 2.56 27.81 -23.49
N LYS C 85 3.48 27.47 -22.58
CA LYS C 85 4.56 26.56 -22.94
C LYS C 85 4.03 25.16 -23.22
N ASN C 86 3.01 24.73 -22.47
CA ASN C 86 2.48 23.38 -22.53
C ASN C 86 1.31 23.24 -23.49
N ILE C 87 1.14 24.18 -24.41
CA ILE C 87 0.09 24.13 -25.42
C ILE C 87 0.74 24.16 -26.79
N ILE C 88 0.21 23.38 -27.72
CA ILE C 88 0.72 23.45 -29.08
C ILE C 88 0.38 24.82 -29.65
N GLY C 89 1.27 25.35 -30.47
CA GLY C 89 1.04 26.65 -31.07
C GLY C 89 1.10 26.56 -32.57
N LEU C 90 0.47 27.51 -33.26
CA LEU C 90 0.42 27.54 -34.71
C LEU C 90 1.50 28.49 -35.23
N LEU C 91 2.32 27.99 -36.16
CA LEU C 91 3.35 28.84 -36.73
C LEU C 91 2.77 29.71 -37.84
N ASN C 92 2.12 29.07 -38.80
CA ASN C 92 1.49 29.74 -39.92
C ASN C 92 0.38 28.83 -40.46
N VAL C 93 -0.67 29.44 -40.99
CA VAL C 93 -1.74 28.69 -41.62
C VAL C 93 -1.92 29.24 -43.04
N PHE C 94 -1.93 28.34 -44.02
CA PHE C 94 -1.96 28.75 -45.42
C PHE C 94 -2.76 27.76 -46.25
N THR C 95 -3.30 28.26 -47.36
CA THR C 95 -3.94 27.43 -48.37
C THR C 95 -3.49 27.87 -49.76
N PRO C 96 -3.23 26.93 -50.66
CA PRO C 96 -2.75 27.32 -52.00
C PRO C 96 -3.75 28.17 -52.77
N GLN C 97 -5.04 27.88 -52.64
CA GLN C 97 -6.04 28.68 -53.33
C GLN C 97 -6.08 30.08 -52.72
N LYS C 98 -6.18 31.10 -53.59
CA LYS C 98 -6.16 32.48 -53.14
C LYS C 98 -7.49 33.20 -53.29
N SER C 99 -8.53 32.54 -53.79
CA SER C 99 -9.83 33.18 -53.98
C SER C 99 -10.90 32.35 -53.28
N LEU C 100 -11.89 33.05 -52.74
CA LEU C 100 -13.05 32.36 -52.15
C LEU C 100 -13.76 31.50 -53.20
N GLU C 101 -13.66 31.87 -54.48
CA GLU C 101 -14.29 31.08 -55.53
C GLU C 101 -13.71 29.66 -55.58
N GLU C 102 -12.38 29.54 -55.54
CA GLU C 102 -11.74 28.23 -55.53
C GLU C 102 -11.16 27.86 -54.17
N PHE C 103 -11.42 28.63 -53.13
CA PHE C 103 -10.97 28.27 -51.78
C PHE C 103 -11.67 27.00 -51.34
N GLN C 104 -10.90 25.96 -51.00
CA GLN C 104 -11.53 24.71 -50.59
C GLN C 104 -10.94 24.16 -49.29
N ASP C 105 -9.61 24.02 -49.20
CA ASP C 105 -8.98 23.46 -48.00
C ASP C 105 -7.76 24.29 -47.62
N VAL C 106 -7.41 24.30 -46.32
CA VAL C 106 -6.34 25.12 -45.76
C VAL C 106 -5.39 24.26 -44.93
N TYR C 107 -4.13 24.68 -44.86
CA TYR C 107 -3.06 23.95 -44.18
C TYR C 107 -2.52 24.74 -42.99
N ILE C 108 -2.27 24.05 -41.88
CA ILE C 108 -1.78 24.65 -40.65
C ILE C 108 -0.42 24.04 -40.32
N VAL C 109 0.56 24.88 -39.96
CA VAL C 109 1.89 24.39 -39.64
C VAL C 109 2.18 24.64 -38.17
N MET C 110 2.75 23.64 -37.49
CA MET C 110 3.05 23.78 -36.04
C MET C 110 4.44 23.21 -35.73
N GLU C 111 4.83 23.30 -34.45
CA GLU C 111 6.14 22.84 -33.95
C GLU C 111 6.23 21.32 -34.02
N LEU C 112 7.13 20.78 -34.84
CA LEU C 112 7.28 19.30 -34.94
C LEU C 112 7.75 18.77 -33.58
N MET C 113 7.19 17.65 -33.14
CA MET C 113 7.56 17.03 -31.83
C MET C 113 7.84 15.54 -32.06
N ASP C 114 8.65 14.94 -31.21
CA ASP C 114 9.14 13.55 -31.40
C ASP C 114 8.06 12.46 -31.35
N ALA C 115 7.14 12.49 -30.38
CA ALA C 115 6.16 11.36 -30.35
C ALA C 115 4.89 11.73 -29.60
N ASN C 116 3.90 10.82 -29.62
CA ASN C 116 2.62 11.02 -28.90
C ASN C 116 2.75 10.38 -27.51
N LEU C 117 1.86 10.75 -26.59
CA LEU C 117 1.92 10.24 -25.23
C LEU C 117 1.83 8.72 -25.17
N CYS C 118 0.99 8.11 -26.02
CA CYS C 118 0.79 6.64 -25.96
C CYS C 118 2.07 5.88 -26.34
N GLN C 119 3.03 6.57 -26.93
CA GLN C 119 4.29 5.87 -27.31
C GLN C 119 5.23 5.93 -26.13
N VAL C 120 5.29 7.10 -25.50
CA VAL C 120 6.23 7.30 -24.39
C VAL C 120 5.82 6.52 -23.14
N ILE C 121 4.53 6.26 -22.94
CA ILE C 121 4.11 5.49 -21.78
C ILE C 121 4.73 4.10 -21.81
N GLN C 122 4.78 3.51 -23.01
CA GLN C 122 5.34 2.15 -23.18
C GLN C 122 6.81 2.12 -22.75
N MET C 123 7.58 3.14 -23.12
CA MET C 123 8.98 3.21 -22.72
C MET C 123 9.09 3.29 -21.21
N GLU C 124 10.01 2.50 -20.64
CA GLU C 124 10.20 2.46 -19.21
C GLU C 124 10.52 3.86 -18.67
N LEU C 125 9.81 4.27 -17.61
CA LEU C 125 9.88 5.63 -17.08
C LEU C 125 10.33 5.65 -15.63
N ASP C 126 10.35 6.86 -15.05
CA ASP C 126 10.72 7.10 -13.66
C ASP C 126 9.75 8.09 -13.04
N HIS C 127 9.84 8.23 -11.71
CA HIS C 127 8.90 9.08 -10.98
C HIS C 127 9.00 10.55 -11.38
N GLU C 128 10.23 11.08 -11.41
CA GLU C 128 10.40 12.52 -11.68
C GLU C 128 10.07 12.87 -13.12
N ARG C 129 10.33 11.95 -14.05
CA ARG C 129 9.91 12.19 -15.44
C ARG C 129 8.39 12.18 -15.55
N MET C 130 7.73 11.25 -14.86
CA MET C 130 6.27 11.21 -14.87
C MET C 130 5.67 12.44 -14.22
N SER C 131 6.21 12.85 -13.07
CA SER C 131 5.63 13.98 -12.34
C SER C 131 5.63 15.26 -13.16
N TYR C 132 6.72 15.53 -13.88
CA TYR C 132 6.76 16.74 -14.71
C TYR C 132 5.75 16.66 -15.85
N LEU C 133 5.60 15.47 -16.46
CA LEU C 133 4.62 15.29 -17.52
C LEU C 133 3.21 15.54 -17.00
N LEU C 134 2.89 14.99 -15.83
CA LEU C 134 1.56 15.21 -15.25
C LEU C 134 1.40 16.67 -14.85
N TYR C 135 2.45 17.27 -14.31
CA TYR C 135 2.38 18.68 -13.94
C TYR C 135 2.08 19.54 -15.16
N GLN C 136 2.71 19.23 -16.29
CA GLN C 136 2.56 20.08 -17.48
C GLN C 136 1.14 20.07 -18.02
N MET C 137 0.53 18.88 -18.14
CA MET C 137 -0.84 18.80 -18.65
C MET C 137 -1.82 19.49 -17.71
N LEU C 138 -1.63 19.34 -16.40
CA LEU C 138 -2.54 19.96 -15.45
C LEU C 138 -2.50 21.48 -15.57
N CYS C 139 -1.33 22.04 -15.84
CA CYS C 139 -1.27 23.47 -16.13
C CYS C 139 -1.83 23.79 -17.51
N GLY C 140 -1.73 22.85 -18.45
CA GLY C 140 -2.32 23.08 -19.75
C GLY C 140 -3.84 23.14 -19.68
N ILE C 141 -4.45 22.16 -19.02
CA ILE C 141 -5.90 22.19 -18.84
C ILE C 141 -6.30 23.36 -17.96
N LYS C 142 -5.46 23.69 -16.97
CA LYS C 142 -5.72 24.85 -16.11
C LYS C 142 -5.84 26.13 -16.94
N HIS C 143 -4.93 26.33 -17.89
CA HIS C 143 -4.99 27.53 -18.73
C HIS C 143 -6.25 27.57 -19.59
N LEU C 144 -6.66 26.41 -20.13
CA LEU C 144 -7.88 26.37 -20.92
C LEU C 144 -9.12 26.53 -20.05
N HIS C 145 -9.13 25.87 -18.88
CA HIS C 145 -10.21 26.09 -17.92
C HIS C 145 -10.18 27.52 -17.37
N SER C 146 -8.99 28.14 -17.35
CA SER C 146 -8.90 29.54 -16.95
C SER C 146 -9.75 30.41 -17.86
N ALA C 147 -9.77 30.10 -19.15
CA ALA C 147 -10.63 30.79 -20.11
C ALA C 147 -12.02 30.17 -20.18
N GLY C 148 -12.29 29.13 -19.39
CA GLY C 148 -13.59 28.49 -19.35
C GLY C 148 -13.80 27.37 -20.35
N ILE C 149 -12.76 26.97 -21.07
CA ILE C 149 -12.86 25.95 -22.12
C ILE C 149 -12.44 24.61 -21.53
N ILE C 150 -13.33 23.62 -21.62
CA ILE C 150 -13.12 22.28 -21.08
C ILE C 150 -12.95 21.29 -22.21
N HIS C 151 -12.00 20.36 -22.06
CA HIS C 151 -11.68 19.46 -23.15
C HIS C 151 -12.68 18.31 -23.26
N ARG C 152 -12.77 17.49 -22.20
CA ARG C 152 -13.64 16.32 -22.10
C ARG C 152 -13.27 15.22 -23.09
N ASP C 153 -12.22 15.39 -23.89
CA ASP C 153 -11.79 14.39 -24.86
C ASP C 153 -10.30 14.08 -24.73
N LEU C 154 -9.72 14.36 -23.56
CA LEU C 154 -8.28 14.13 -23.35
C LEU C 154 -7.96 12.65 -23.42
N LYS C 155 -6.97 12.30 -24.23
CA LYS C 155 -6.57 10.92 -24.46
C LYS C 155 -5.08 10.90 -24.76
N PRO C 156 -4.41 9.75 -24.57
CA PRO C 156 -2.95 9.69 -24.78
C PRO C 156 -2.46 10.06 -26.18
N SER C 157 -3.39 10.16 -27.13
CA SER C 157 -3.03 10.50 -28.53
C SER C 157 -3.31 11.98 -28.78
N ASN C 158 -3.93 12.64 -27.81
CA ASN C 158 -4.19 14.07 -27.84
C ASN C 158 -3.01 14.86 -27.31
N ILE C 159 -1.97 14.17 -26.86
CA ILE C 159 -0.86 14.75 -26.12
C ILE C 159 0.44 14.44 -26.84
N VAL C 160 1.24 15.48 -27.09
CA VAL C 160 2.54 15.37 -27.80
C VAL C 160 3.67 15.74 -26.83
N VAL C 161 4.79 14.99 -26.88
CA VAL C 161 5.93 15.23 -25.95
C VAL C 161 7.22 15.42 -26.76
N LYS C 162 8.16 16.21 -26.25
CA LYS C 162 9.47 16.46 -26.91
C LYS C 162 10.55 15.61 -26.25
N SER C 163 11.77 15.68 -26.75
CA SER C 163 12.87 14.93 -26.18
C SER C 163 13.38 15.55 -24.89
N ASP C 164 13.10 16.84 -24.68
CA ASP C 164 13.34 17.47 -23.39
C ASP C 164 12.17 17.31 -22.43
N CYS C 165 11.21 16.45 -22.77
CA CYS C 165 10.05 16.16 -21.92
C CYS C 165 9.17 17.39 -21.74
N THR C 166 9.16 18.29 -22.71
CA THR C 166 8.23 19.42 -22.72
C THR C 166 6.95 18.89 -23.35
N LEU C 167 5.84 19.08 -22.66
CA LEU C 167 4.56 18.50 -23.06
C LEU C 167 3.67 19.57 -23.64
N LYS C 168 2.93 19.18 -24.67
CA LYS C 168 1.99 20.11 -25.33
C LYS C 168 0.72 19.35 -25.70
N ILE C 169 -0.37 20.10 -25.85
CA ILE C 169 -1.68 19.55 -26.15
C ILE C 169 -2.13 20.06 -27.51
N LEU C 170 -2.55 19.18 -28.40
CA LEU C 170 -2.89 19.69 -29.76
C LEU C 170 -4.34 20.12 -29.86
N ASP C 171 -5.24 19.44 -29.15
CA ASP C 171 -6.66 19.65 -29.37
C ASP C 171 -7.29 20.45 -28.24
N PHE C 172 -8.31 21.27 -28.57
CA PHE C 172 -9.10 22.06 -27.60
C PHE C 172 -10.40 21.34 -27.28
N GLY C 173 -10.55 20.11 -27.77
CA GLY C 173 -11.77 19.31 -27.50
C GLY C 173 -13.05 19.99 -27.99
N LEU C 174 -14.10 20.03 -27.15
CA LEU C 174 -15.39 20.65 -27.56
C LEU C 174 -15.74 21.87 -26.72
N ALA C 175 -14.71 22.62 -26.36
CA ALA C 175 -14.86 23.98 -25.80
C ALA C 175 -15.65 23.90 -24.51
N ARG C 176 -16.64 24.77 -24.37
CA ARG C 176 -17.40 24.85 -23.09
C ARG C 176 -18.72 24.05 -23.13
N THR C 177 -19.39 23.86 -24.28
CA THR C 177 -20.72 23.20 -24.19
C THR C 177 -21.08 22.20 -25.29
N ALA C 178 -21.53 21.02 -24.87
CA ALA C 178 -22.03 19.90 -25.70
C ALA C 178 -22.89 19.00 -24.81
N GLY C 179 -23.58 18.04 -25.43
CA GLY C 179 -24.32 17.01 -24.68
C GLY C 179 -23.33 15.96 -24.18
N THR C 180 -23.76 15.12 -23.24
CA THR C 180 -22.90 14.08 -22.62
C THR C 180 -22.38 13.06 -23.65
N SER C 181 -23.14 12.79 -24.72
CA SER C 181 -22.62 11.91 -25.79
C SER C 181 -22.00 12.82 -26.85
N PHE C 182 -20.75 12.55 -27.24
CA PHE C 182 -20.04 13.43 -28.21
C PHE C 182 -19.76 12.68 -29.52
N MET C 183 -20.71 11.87 -29.98
CA MET C 183 -20.52 11.08 -31.18
C MET C 183 -20.61 11.98 -32.40
N MET C 184 -19.67 11.82 -33.31
CA MET C 184 -19.64 12.60 -34.53
C MET C 184 -19.95 11.73 -35.74
N VAL C 188 -14.93 10.63 -31.10
CA VAL C 188 -14.15 9.49 -31.66
C VAL C 188 -14.58 8.21 -30.93
N VAL C 189 -13.84 7.12 -31.14
CA VAL C 189 -14.13 5.78 -30.55
C VAL C 189 -13.34 5.61 -29.25
N THR C 190 -12.68 6.68 -28.81
CA THR C 190 -11.89 6.61 -27.55
C THR C 190 -12.83 6.85 -26.37
N ARG C 191 -13.53 5.81 -25.92
CA ARG C 191 -14.42 5.89 -24.75
C ARG C 191 -13.66 5.50 -23.48
N TYR C 192 -12.42 5.07 -23.64
CA TYR C 192 -11.60 4.55 -22.52
C TYR C 192 -11.32 5.62 -21.47
N TYR C 193 -11.05 6.86 -21.87
CA TYR C 193 -10.65 7.89 -20.89
C TYR C 193 -11.78 8.84 -20.47
N ARG C 194 -13.01 8.66 -20.93
CA ARG C 194 -14.04 9.64 -20.52
C ARG C 194 -14.47 9.39 -19.07
N ALA C 195 -14.98 10.43 -18.40
CA ALA C 195 -15.40 10.35 -17.00
C ALA C 195 -16.74 9.65 -16.87
N PRO C 196 -17.13 9.29 -15.63
CA PRO C 196 -18.47 8.71 -15.44
C PRO C 196 -19.61 9.70 -15.64
N GLU C 197 -19.48 10.92 -15.11
CA GLU C 197 -20.57 11.88 -15.21
C GLU C 197 -20.87 12.23 -16.66
N VAL C 198 -19.81 12.38 -17.46
CA VAL C 198 -19.96 12.72 -18.86
C VAL C 198 -20.60 11.59 -19.65
N ILE C 199 -20.41 10.33 -19.23
CA ILE C 199 -21.01 9.20 -19.93
C ILE C 199 -22.37 8.78 -19.36
N LEU C 200 -22.69 9.16 -18.13
CA LEU C 200 -23.96 8.78 -17.50
C LEU C 200 -25.00 9.88 -17.59
N GLY C 201 -24.74 10.94 -18.37
CA GLY C 201 -25.68 12.02 -18.54
C GLY C 201 -25.93 12.86 -17.30
N MET C 202 -24.95 12.94 -16.41
CA MET C 202 -25.08 13.70 -15.18
C MET C 202 -24.72 15.17 -15.34
N GLY C 203 -23.99 15.52 -16.38
CA GLY C 203 -23.41 16.84 -16.50
C GLY C 203 -21.91 16.82 -16.29
N TYR C 204 -21.29 17.95 -16.63
CA TYR C 204 -19.84 18.08 -16.59
C TYR C 204 -19.49 19.36 -15.84
N LYS C 205 -18.43 19.30 -15.04
CA LYS C 205 -17.84 20.48 -14.42
C LYS C 205 -16.33 20.43 -14.67
N GLU C 206 -15.57 21.22 -13.92
CA GLU C 206 -14.14 21.29 -14.19
C GLU C 206 -13.42 20.00 -13.84
N ASN C 207 -14.06 19.10 -13.10
CA ASN C 207 -13.44 17.85 -12.69
C ASN C 207 -13.61 16.71 -13.68
N VAL C 208 -14.28 16.94 -14.82
CA VAL C 208 -14.39 15.88 -15.82
C VAL C 208 -13.03 15.59 -16.44
N ASP C 209 -12.25 16.65 -16.71
CA ASP C 209 -10.92 16.46 -17.29
C ASP C 209 -9.97 15.81 -16.29
N ILE C 210 -10.19 16.06 -15.00
CA ILE C 210 -9.37 15.43 -13.96
C ILE C 210 -9.51 13.92 -14.01
N TRP C 211 -10.71 13.42 -14.29
CA TRP C 211 -10.88 11.99 -14.44
C TRP C 211 -9.99 11.45 -15.54
N SER C 212 -9.94 12.14 -16.68
CA SER C 212 -9.19 11.62 -17.82
C SER C 212 -7.71 11.52 -17.50
N VAL C 213 -7.13 12.57 -16.91
CA VAL C 213 -5.71 12.53 -16.56
C VAL C 213 -5.43 11.45 -15.53
N GLY C 214 -6.42 11.12 -14.69
CA GLY C 214 -6.24 10.01 -13.77
C GLY C 214 -6.15 8.68 -14.47
N CYS C 215 -6.97 8.46 -15.49
CA CYS C 215 -6.93 7.21 -16.24
C CYS C 215 -5.70 7.13 -17.13
N ILE C 216 -5.22 8.26 -17.64
CA ILE C 216 -4.00 8.24 -18.46
C ILE C 216 -2.80 7.88 -17.60
N MET C 217 -2.75 8.42 -16.37
CA MET C 217 -1.65 8.10 -15.47
C MET C 217 -1.62 6.61 -15.12
N GLY C 218 -2.81 6.01 -14.96
CA GLY C 218 -2.86 4.60 -14.60
C GLY C 218 -2.25 3.68 -15.64
N GLU C 219 -2.33 4.06 -16.93
CA GLU C 219 -1.70 3.25 -17.97
C GLU C 219 -0.19 3.25 -17.83
N MET C 220 0.40 4.37 -17.40
CA MET C 220 1.83 4.39 -17.15
C MET C 220 2.24 3.31 -16.17
N ILE C 221 1.55 3.25 -15.03
CA ILE C 221 1.91 2.31 -13.98
C ILE C 221 1.56 0.88 -14.38
N LYS C 222 0.28 0.66 -14.74
CA LYS C 222 -0.17 -0.70 -15.03
C LYS C 222 0.40 -1.23 -16.34
N GLY C 223 0.61 -0.37 -17.33
CA GLY C 223 1.09 -0.81 -18.63
C GLY C 223 0.01 -1.13 -19.62
N GLY C 224 -1.26 -0.90 -19.28
CA GLY C 224 -2.37 -1.15 -20.17
C GLY C 224 -3.51 -0.21 -19.84
N VAL C 225 -4.53 -0.24 -20.69
CA VAL C 225 -5.70 0.62 -20.47
C VAL C 225 -6.33 0.28 -19.14
N LEU C 226 -6.60 1.31 -18.33
CA LEU C 226 -7.15 1.09 -17.00
C LEU C 226 -8.55 0.51 -17.08
N PHE C 227 -9.43 1.13 -17.86
CA PHE C 227 -10.82 0.69 -18.01
C PHE C 227 -11.07 0.38 -19.48
N PRO C 228 -10.76 -0.85 -19.92
CA PRO C 228 -11.03 -1.21 -21.32
C PRO C 228 -12.42 -1.80 -21.51
N GLY C 229 -13.30 -1.06 -22.19
CA GLY C 229 -14.64 -1.55 -22.45
C GLY C 229 -14.87 -1.77 -23.94
N THR C 230 -15.28 -2.98 -24.30
CA THR C 230 -15.57 -3.28 -25.71
C THR C 230 -16.76 -2.46 -26.20
N ASP C 231 -17.84 -2.43 -25.44
CA ASP C 231 -19.04 -1.74 -25.86
C ASP C 231 -19.16 -0.43 -25.10
N HIS C 232 -20.32 0.22 -25.19
CA HIS C 232 -20.45 1.58 -24.66
C HIS C 232 -20.28 1.60 -23.14
N ILE C 233 -21.08 0.80 -22.43
CA ILE C 233 -21.07 0.84 -20.97
C ILE C 233 -20.42 -0.39 -20.35
N ASP C 234 -19.83 -1.27 -21.15
CA ASP C 234 -18.86 -2.21 -20.58
C ASP C 234 -17.74 -1.43 -19.93
N GLN C 235 -17.45 -0.26 -20.47
CA GLN C 235 -16.61 0.73 -19.80
C GLN C 235 -17.10 1.00 -18.38
N TRP C 236 -18.40 1.32 -18.26
CA TRP C 236 -18.98 1.57 -16.95
C TRP C 236 -18.89 0.34 -16.06
N ASN C 237 -19.11 -0.85 -16.63
CA ASN C 237 -18.97 -2.06 -15.85
C ASN C 237 -17.54 -2.26 -15.39
N LYS C 238 -16.57 -1.92 -16.24
CA LYS C 238 -15.16 -2.10 -15.90
C LYS C 238 -14.75 -1.21 -14.73
N VAL C 239 -15.21 0.04 -14.71
CA VAL C 239 -14.79 0.94 -13.64
C VAL C 239 -15.36 0.48 -12.30
N ILE C 240 -16.66 0.17 -12.25
CA ILE C 240 -17.26 -0.22 -10.98
C ILE C 240 -16.74 -1.59 -10.54
N GLU C 241 -16.30 -2.42 -11.48
CA GLU C 241 -15.76 -3.73 -11.11
C GLU C 241 -14.54 -3.60 -10.21
N GLN C 242 -13.66 -2.65 -10.52
CA GLN C 242 -12.41 -2.45 -9.80
C GLN C 242 -12.48 -1.29 -8.80
N LEU C 243 -13.00 -0.13 -9.24
CA LEU C 243 -13.13 0.99 -8.32
C LEU C 243 -14.18 0.70 -7.25
N GLY C 244 -15.35 0.25 -7.67
CA GLY C 244 -16.40 -0.10 -6.73
C GLY C 244 -17.76 0.47 -7.13
N THR C 245 -18.82 -0.07 -6.55
CA THR C 245 -20.16 0.44 -6.85
C THR C 245 -20.39 1.75 -6.10
N PRO C 246 -20.92 2.76 -6.75
CA PRO C 246 -21.11 4.06 -6.10
C PRO C 246 -22.12 3.99 -4.95
N CYS C 247 -21.94 4.91 -4.00
CA CYS C 247 -22.79 4.98 -2.84
C CYS C 247 -24.17 5.52 -3.24
N PRO C 248 -25.19 5.30 -2.40
CA PRO C 248 -26.57 5.63 -2.82
C PRO C 248 -26.77 7.09 -3.20
N GLU C 249 -26.09 8.01 -2.51
CA GLU C 249 -26.27 9.43 -2.77
C GLU C 249 -25.95 9.79 -4.22
N PHE C 250 -24.96 9.12 -4.81
CA PHE C 250 -24.58 9.41 -6.19
C PHE C 250 -25.73 9.10 -7.14
N MET C 251 -26.37 7.94 -6.97
CA MET C 251 -27.46 7.51 -7.84
C MET C 251 -28.75 8.30 -7.64
N LYS C 252 -28.85 9.09 -6.56
CA LYS C 252 -30.10 9.78 -6.26
C LYS C 252 -30.49 10.74 -7.38
N LYS C 253 -29.51 11.45 -7.95
CA LYS C 253 -29.77 12.47 -8.95
C LYS C 253 -29.90 11.91 -10.37
N LEU C 254 -29.78 10.60 -10.54
CA LEU C 254 -29.73 10.00 -11.88
C LEU C 254 -31.09 10.01 -12.56
N GLN C 255 -31.09 9.96 -13.88
CA GLN C 255 -32.38 9.82 -14.61
C GLN C 255 -32.81 8.37 -14.46
N PRO C 256 -34.12 8.04 -14.53
CA PRO C 256 -34.58 6.67 -14.26
C PRO C 256 -34.17 5.53 -15.21
N THR C 257 -34.36 5.70 -16.53
CA THR C 257 -34.12 4.57 -17.46
C THR C 257 -32.71 3.99 -17.27
N VAL C 258 -31.77 4.80 -16.77
CA VAL C 258 -30.36 4.33 -16.58
C VAL C 258 -30.09 4.17 -15.09
N ARG C 259 -30.69 5.02 -14.25
CA ARG C 259 -30.51 4.81 -12.80
C ARG C 259 -30.93 3.36 -12.56
N THR C 260 -31.89 2.90 -13.35
CA THR C 260 -32.36 1.51 -13.22
C THR C 260 -31.23 0.55 -13.57
N TYR C 261 -30.64 0.72 -14.74
CA TYR C 261 -29.62 -0.27 -15.17
C TYR C 261 -28.50 -0.30 -14.13
N VAL C 262 -28.14 0.86 -13.61
CA VAL C 262 -27.01 0.91 -12.65
C VAL C 262 -27.34 0.03 -11.44
N GLU C 263 -28.47 0.27 -10.77
CA GLU C 263 -28.75 -0.48 -9.52
C GLU C 263 -29.04 -1.94 -9.87
N ASN C 264 -29.41 -2.21 -11.12
CA ASN C 264 -29.85 -3.59 -11.48
C ASN C 264 -28.72 -4.44 -12.04
N ARG C 265 -27.49 -3.92 -12.11
CA ARG C 265 -26.37 -4.79 -12.56
C ARG C 265 -25.62 -5.26 -11.31
N PRO C 266 -24.84 -6.36 -11.35
CA PRO C 266 -24.21 -6.89 -10.13
C PRO C 266 -23.40 -5.84 -9.40
N LYS C 267 -23.54 -5.80 -8.08
CA LYS C 267 -22.80 -4.85 -7.28
C LYS C 267 -21.37 -5.31 -7.12
N TYR C 268 -20.43 -4.37 -7.22
CA TYR C 268 -19.01 -4.64 -7.08
C TYR C 268 -18.46 -3.76 -5.97
N ALA C 269 -17.89 -4.39 -4.95
CA ALA C 269 -17.16 -3.64 -3.93
C ALA C 269 -15.91 -3.00 -4.52
N GLY C 270 -15.23 -3.72 -5.41
CA GLY C 270 -14.05 -3.20 -6.05
C GLY C 270 -12.78 -3.60 -5.32
N TYR C 271 -11.67 -3.57 -6.06
CA TYR C 271 -10.37 -3.89 -5.52
C TYR C 271 -9.75 -2.63 -4.94
N SER C 272 -8.85 -2.82 -3.97
CA SER C 272 -8.21 -1.68 -3.34
C SER C 272 -7.19 -1.05 -4.28
N PHE C 273 -6.98 0.26 -4.10
CA PHE C 273 -5.99 0.96 -4.91
C PHE C 273 -4.59 0.41 -4.66
N GLU C 274 -4.38 -0.17 -3.47
CA GLU C 274 -3.06 -0.69 -3.12
C GLU C 274 -2.68 -1.86 -4.00
N LYS C 275 -3.64 -2.73 -4.33
CA LYS C 275 -3.39 -3.79 -5.30
C LYS C 275 -3.88 -3.43 -6.70
N LEU C 276 -4.77 -2.43 -6.82
CA LEU C 276 -5.04 -1.87 -8.13
C LEU C 276 -3.78 -1.23 -8.69
N PHE C 277 -3.00 -0.59 -7.82
CA PHE C 277 -1.71 -0.01 -8.16
C PHE C 277 -0.70 -0.50 -7.13
N PRO C 278 -0.26 -1.74 -7.24
CA PRO C 278 0.69 -2.30 -6.27
C PRO C 278 2.09 -1.76 -6.46
N ASP C 279 2.91 -1.95 -5.41
CA ASP C 279 4.30 -1.54 -5.46
C ASP C 279 5.07 -2.26 -6.56
N VAL C 280 4.53 -3.38 -7.06
CA VAL C 280 5.23 -4.14 -8.10
C VAL C 280 5.35 -3.31 -9.37
N LEU C 281 4.27 -2.64 -9.75
CA LEU C 281 4.31 -1.80 -10.94
C LEU C 281 5.16 -0.56 -10.72
N PHE C 282 5.19 -0.05 -9.49
CA PHE C 282 6.02 1.10 -9.13
C PHE C 282 7.49 0.71 -9.05
N PRO C 283 8.38 1.68 -9.00
CA PRO C 283 9.78 1.35 -8.70
C PRO C 283 9.93 1.00 -7.24
N ALA C 284 10.73 -0.03 -6.97
CA ALA C 284 10.89 -0.59 -5.63
C ALA C 284 12.34 -0.49 -5.18
N ASP C 285 13.17 0.23 -5.94
CA ASP C 285 14.58 0.33 -5.66
C ASP C 285 14.83 0.98 -4.30
N SER C 286 14.21 2.13 -4.05
CA SER C 286 14.53 2.93 -2.88
C SER C 286 13.31 3.17 -2.00
N GLU C 287 13.57 3.44 -0.72
CA GLU C 287 12.52 3.92 0.16
C GLU C 287 12.03 5.30 -0.28
N HIS C 288 12.96 6.18 -0.67
CA HIS C 288 12.56 7.50 -1.15
C HIS C 288 11.65 7.37 -2.35
N ASN C 289 11.99 6.49 -3.28
CA ASN C 289 11.10 6.21 -4.41
C ASN C 289 9.82 5.56 -3.92
N LYS C 290 9.93 4.68 -2.93
CA LYS C 290 8.74 4.05 -2.36
C LYS C 290 7.82 5.06 -1.69
N LEU C 291 8.39 6.12 -1.10
CA LEU C 291 7.58 7.08 -0.35
C LEU C 291 6.60 7.81 -1.25
N LYS C 292 7.08 8.33 -2.38
CA LYS C 292 6.21 9.07 -3.28
C LYS C 292 5.29 8.17 -4.08
N ALA C 293 5.58 6.88 -4.17
CA ALA C 293 4.64 5.95 -4.77
C ALA C 293 3.32 5.92 -4.00
N SER C 294 3.39 5.90 -2.67
CA SER C 294 2.16 5.83 -1.88
C SER C 294 1.33 7.10 -1.99
N GLN C 295 1.99 8.26 -2.04
CA GLN C 295 1.27 9.51 -2.23
C GLN C 295 0.86 9.70 -3.68
N ALA C 296 1.59 9.07 -4.60
CA ALA C 296 1.12 9.00 -5.98
C ALA C 296 -0.18 8.23 -6.06
N ARG C 297 -0.25 7.09 -5.36
CA ARG C 297 -1.49 6.33 -5.29
C ARG C 297 -2.60 7.15 -4.65
N ASP C 298 -2.26 7.91 -3.61
CA ASP C 298 -3.28 8.63 -2.84
C ASP C 298 -4.03 9.63 -3.70
N LEU C 299 -3.33 10.37 -4.56
CA LEU C 299 -4.01 11.33 -5.42
C LEU C 299 -4.83 10.64 -6.50
N LEU C 300 -4.40 9.46 -6.94
CA LEU C 300 -5.22 8.69 -7.87
C LEU C 300 -6.56 8.34 -7.23
N SER C 301 -6.56 8.04 -5.94
CA SER C 301 -7.82 7.91 -5.22
C SER C 301 -8.60 9.23 -5.25
N LYS C 302 -7.89 10.35 -5.06
CA LYS C 302 -8.53 11.65 -5.02
C LYS C 302 -8.89 12.18 -6.40
N MET C 303 -8.32 11.61 -7.46
CA MET C 303 -8.67 12.00 -8.83
C MET C 303 -9.59 11.00 -9.51
N LEU C 304 -9.39 9.70 -9.29
CA LEU C 304 -10.24 8.67 -9.87
C LEU C 304 -11.33 8.28 -8.86
N VAL C 305 -12.19 9.25 -8.58
CA VAL C 305 -13.39 9.04 -7.76
C VAL C 305 -14.59 9.25 -8.67
N ILE C 306 -15.54 8.32 -8.62
CA ILE C 306 -16.66 8.35 -9.54
C ILE C 306 -17.61 9.51 -9.24
N ASP C 307 -17.71 9.93 -7.98
CA ASP C 307 -18.52 11.09 -7.64
C ASP C 307 -17.83 12.34 -8.17
N ALA C 308 -18.54 13.11 -9.00
CA ALA C 308 -17.90 14.23 -9.71
C ALA C 308 -17.44 15.31 -8.74
N SER C 309 -18.31 15.72 -7.80
CA SER C 309 -17.96 16.83 -6.91
C SER C 309 -17.01 16.38 -5.82
N LYS C 310 -16.95 15.09 -5.49
CA LYS C 310 -15.95 14.64 -4.55
C LYS C 310 -14.64 14.34 -5.26
N ARG C 311 -14.53 14.73 -6.51
CA ARG C 311 -13.26 14.76 -7.21
C ARG C 311 -12.54 16.04 -6.82
N ILE C 312 -11.27 15.93 -6.48
CA ILE C 312 -10.52 17.11 -6.10
C ILE C 312 -10.23 17.92 -7.35
N SER C 313 -10.16 19.24 -7.20
CA SER C 313 -9.96 20.12 -8.35
C SER C 313 -8.47 20.24 -8.67
N VAL C 314 -8.18 20.83 -9.83
CA VAL C 314 -6.81 20.87 -10.33
C VAL C 314 -5.95 21.85 -9.53
N ASP C 315 -6.55 22.93 -9.05
CA ASP C 315 -5.78 23.88 -8.23
C ASP C 315 -5.27 23.21 -6.98
N GLU C 316 -6.13 22.43 -6.31
CA GLU C 316 -5.67 21.64 -5.18
C GLU C 316 -4.75 20.51 -5.64
N ALA C 317 -5.01 19.96 -6.83
CA ALA C 317 -4.13 18.91 -7.37
C ALA C 317 -2.75 19.46 -7.71
N LEU C 318 -2.66 20.72 -8.13
CA LEU C 318 -1.36 21.29 -8.47
C LEU C 318 -0.48 21.47 -7.24
N GLN C 319 -1.08 21.55 -6.05
CA GLN C 319 -0.35 21.67 -4.81
C GLN C 319 -0.14 20.32 -4.12
N HIS C 320 -0.30 19.22 -4.85
CA HIS C 320 -0.06 17.90 -4.28
C HIS C 320 1.45 17.65 -4.19
N PRO C 321 1.90 16.99 -3.11
CA PRO C 321 3.36 16.78 -2.95
C PRO C 321 4.04 16.09 -4.11
N TYR C 322 3.37 15.16 -4.78
CA TYR C 322 3.98 14.49 -5.92
C TYR C 322 4.20 15.45 -7.09
N ILE C 323 3.34 16.46 -7.22
CA ILE C 323 3.35 17.35 -8.36
C ILE C 323 3.89 18.74 -8.02
N ASN C 324 3.87 19.14 -6.76
CA ASN C 324 4.30 20.49 -6.38
C ASN C 324 5.80 20.72 -6.57
N VAL C 325 6.60 19.65 -6.72
CA VAL C 325 8.04 19.85 -6.86
C VAL C 325 8.36 20.63 -8.13
N TRP C 326 7.55 20.49 -9.18
CA TRP C 326 7.76 21.20 -10.43
C TRP C 326 7.01 22.53 -10.49
N TYR C 327 6.55 23.03 -9.35
CA TYR C 327 5.68 24.20 -9.34
C TYR C 327 6.44 25.46 -9.75
N ASP C 328 5.95 26.13 -10.79
CA ASP C 328 6.45 27.42 -11.22
C ASP C 328 5.24 28.34 -11.30
N PRO C 329 5.21 29.45 -10.54
CA PRO C 329 3.96 30.24 -10.47
C PRO C 329 3.62 30.96 -11.78
N SER C 330 4.62 31.37 -12.57
CA SER C 330 4.36 31.92 -13.90
C SER C 330 3.77 30.86 -14.81
N GLU C 331 4.35 29.67 -14.81
CA GLU C 331 3.85 28.60 -15.67
C GLU C 331 2.44 28.19 -15.27
N ALA C 332 2.19 28.10 -13.97
CA ALA C 332 0.86 27.70 -13.51
C ALA C 332 -0.08 28.90 -13.45
N GLU C 333 0.19 29.85 -12.56
CA GLU C 333 -0.71 30.99 -12.41
C GLU C 333 -0.43 32.03 -13.49
N ALA C 334 -0.59 31.59 -14.74
CA ALA C 334 -0.40 32.43 -15.90
C ALA C 334 -1.66 33.25 -16.16
N PRO C 335 -1.55 34.35 -16.90
CA PRO C 335 -2.73 35.16 -17.21
C PRO C 335 -3.68 34.41 -18.12
N PRO C 336 -4.99 34.47 -17.85
CA PRO C 336 -5.94 33.75 -18.68
C PRO C 336 -6.05 34.39 -20.04
N PRO C 337 -6.24 33.58 -21.09
CA PRO C 337 -6.34 34.14 -22.45
C PRO C 337 -7.78 34.52 -22.81
N LYS C 338 -8.25 35.64 -22.27
CA LYS C 338 -9.61 36.07 -22.58
C LYS C 338 -9.57 36.79 -23.91
N ILE C 339 -10.34 36.30 -24.87
CA ILE C 339 -10.32 36.80 -26.24
C ILE C 339 -11.67 37.43 -26.54
N PRO C 340 -11.71 38.70 -26.91
CA PRO C 340 -12.99 39.30 -27.35
C PRO C 340 -13.25 38.85 -28.78
N ASP C 341 -13.70 37.60 -28.92
CA ASP C 341 -13.89 37.02 -30.23
C ASP C 341 -14.92 37.81 -31.02
N LYS C 342 -14.58 38.16 -32.26
CA LYS C 342 -15.61 38.82 -33.10
C LYS C 342 -16.75 37.80 -33.15
N GLN C 343 -16.39 36.53 -33.35
CA GLN C 343 -17.41 35.46 -33.31
C GLN C 343 -17.09 34.54 -32.12
N LEU C 344 -17.97 34.51 -31.13
CA LEU C 344 -17.78 33.59 -29.99
C LEU C 344 -18.01 32.20 -30.56
N ASP C 345 -17.57 31.17 -29.86
CA ASP C 345 -17.63 29.81 -30.46
C ASP C 345 -18.96 29.11 -30.11
N GLU C 346 -19.91 29.84 -29.54
CA GLU C 346 -21.16 29.19 -29.10
C GLU C 346 -22.32 29.38 -30.10
N ARG C 347 -22.09 30.06 -31.22
CA ARG C 347 -23.11 30.33 -32.20
C ARG C 347 -22.92 29.41 -33.41
N GLU C 348 -23.96 29.30 -34.23
CA GLU C 348 -23.95 28.45 -35.42
C GLU C 348 -24.32 29.28 -36.65
N HIS C 349 -23.88 28.83 -37.83
CA HIS C 349 -24.10 29.58 -39.06
C HIS C 349 -24.30 28.63 -40.24
N THR C 350 -24.41 29.24 -41.43
CA THR C 350 -24.57 28.54 -42.69
C THR C 350 -23.28 27.88 -43.14
N ILE C 351 -23.43 26.82 -43.96
CA ILE C 351 -22.28 26.21 -44.60
C ILE C 351 -21.45 27.24 -45.35
N GLU C 352 -22.10 28.08 -46.18
CA GLU C 352 -21.38 29.14 -46.91
C GLU C 352 -20.93 30.25 -45.98
N GLU C 353 -21.78 30.62 -45.01
CA GLU C 353 -21.39 31.65 -44.05
C GLU C 353 -20.21 31.20 -43.20
N TRP C 354 -20.17 29.92 -42.84
CA TRP C 354 -19.00 29.39 -42.14
C TRP C 354 -17.76 29.52 -43.00
N LYS C 355 -17.86 29.19 -44.29
CA LYS C 355 -16.71 29.20 -45.18
C LYS C 355 -16.07 30.59 -45.28
N GLU C 356 -16.89 31.63 -45.37
CA GLU C 356 -16.31 32.97 -45.51
C GLU C 356 -15.56 33.39 -44.25
N LEU C 357 -16.07 33.03 -43.08
CA LEU C 357 -15.46 33.52 -41.84
C LEU C 357 -14.07 32.97 -41.63
N ILE C 358 -13.84 31.70 -41.96
CA ILE C 358 -12.49 31.14 -41.86
C ILE C 358 -11.59 31.75 -42.93
N TYR C 359 -12.14 32.03 -44.12
CA TYR C 359 -11.32 32.64 -45.17
C TYR C 359 -10.75 33.97 -44.71
N LYS C 360 -11.58 34.80 -44.08
CA LYS C 360 -11.09 36.10 -43.62
C LYS C 360 -10.16 35.98 -42.43
N GLU C 361 -10.36 34.98 -41.57
CA GLU C 361 -9.54 34.89 -40.35
C GLU C 361 -8.08 34.63 -40.69
N VAL C 362 -7.79 33.60 -41.50
CA VAL C 362 -6.40 33.33 -41.84
C VAL C 362 -5.85 34.51 -42.61
N MET C 363 -6.70 35.18 -43.36
CA MET C 363 -6.26 36.33 -44.14
C MET C 363 -5.97 37.50 -43.22
N ASP C 364 -6.82 37.71 -42.22
CA ASP C 364 -6.62 38.81 -41.27
C ASP C 364 -6.68 38.37 -39.81
#